data_5GQF
#
_entry.id   5GQF
#
_cell.length_a   64.035
_cell.length_b   143.625
_cell.length_c   146.180
_cell.angle_alpha   90.00
_cell.angle_beta   90.00
_cell.angle_gamma   90.00
#
_symmetry.space_group_name_H-M   'P 21 21 21'
#
loop_
_entity.id
_entity.type
_entity.pdbx_description
1 polymer Lacto-N-biosidase
2 branched beta-D-galactopyranose-(1-3)-2-acetamido-2-deoxy-beta-D-glucopyranose
3 non-polymer 'CALCIUM ION'
4 water water
#
_entity_poly.entity_id   1
_entity_poly.type   'polypeptide(L)'
_entity_poly.pdbx_seq_one_letter_code
;MQSATQGKETATTTSSGTTYYVSSAHGDDANAGTSENAPWKSLTKVNDIASDLGPGDSVLLEYGSEFNDQYLHIKDTAGN
ADAPITISAYGDADEGKPVIASNGVKGSQWEQDYRANVGNHKNKGTVSTTLLLKDVSYITVSNLEITNDDADVYDPIDTW
KWTDTPDSDGTKLDRSASRMDRTGVAGIAENGATMSNVTLDNLYIHDVDGNIYNKHMANGGIYFMAHYPMENTSAETDVW
LREHVSRFDHVTIRNSTVKDVDRWGIAVGYTAYLNYIDANYGDGSIDDALIAKYGSTNVRIENNYVKGAGGDAITLMYCD
RPVIEHNVGDSVSKHINTQDYTQPGSYGGRVAAGIWPWRCKDPVFQYNEMYNNLNAEHGNGDGQAWDADYGDGTLYQYNY
SYGNSFASLMICNWYAVNTTFRYNISQNDRQGVFDLPSNGPGNHIYNNTVYVDADSQVLTKRSNSQSLFENNIFINATNT
KKTETWNRGSQNGGQTYDNNMYVNYANKPTSDANAIEADDVSAVLAGAGSAPTSALKSGAEHARTGEKAAFDGYRPVAGS
KAINAGKVVSDLNDYAVENDFLGNAVKGRPDLGAVEAALEHHHHHH
;
_entity_poly.pdbx_strand_id   A,B
#
loop_
_chem_comp.id
_chem_comp.type
_chem_comp.name
_chem_comp.formula
CA non-polymer 'CALCIUM ION' 'Ca 2'
GAL D-saccharide, beta linking beta-D-galactopyranose 'C6 H12 O6'
NAG D-saccharide, beta linking 2-acetamido-2-deoxy-beta-D-glucopyranose 'C8 H15 N O6'
#
# COMPACT_ATOMS: atom_id res chain seq x y z
N GLY A 17 -24.26 24.97 29.55
CA GLY A 17 -23.76 23.58 29.80
C GLY A 17 -22.49 23.64 30.62
N THR A 18 -21.78 22.55 30.67
CA THR A 18 -20.59 22.42 31.48
C THR A 18 -19.29 22.83 30.74
N THR A 19 -18.56 23.80 31.29
CA THR A 19 -17.20 24.18 30.83
C THR A 19 -16.07 23.47 31.58
N TYR A 20 -15.25 22.69 30.83
CA TYR A 20 -14.04 22.00 31.34
C TYR A 20 -12.70 22.73 31.03
N TYR A 21 -11.73 22.59 31.91
CA TYR A 21 -10.50 23.40 31.89
C TYR A 21 -9.33 22.46 31.99
N VAL A 22 -8.34 22.64 31.08
CA VAL A 22 -7.20 21.77 31.06
C VAL A 22 -5.96 22.65 30.99
N SER A 23 -4.97 22.35 31.82
CA SER A 23 -3.76 23.13 31.94
C SER A 23 -2.60 22.18 32.05
N SER A 24 -1.71 22.19 31.07
CA SER A 24 -0.63 21.23 31.12
C SER A 24 0.31 21.63 32.26
N ALA A 25 0.40 22.92 32.53
CA ALA A 25 1.38 23.49 33.46
C ALA A 25 0.91 23.48 34.93
N HIS A 26 -0.33 23.93 35.14
CA HIS A 26 -1.00 24.07 36.46
C HIS A 26 -1.88 22.89 36.91
N GLY A 27 -2.56 22.23 35.98
CA GLY A 27 -3.65 21.33 36.35
C GLY A 27 -3.25 20.04 37.02
N ASP A 28 -4.29 19.30 37.41
CA ASP A 28 -4.15 17.97 38.03
C ASP A 28 -5.39 17.20 37.66
N ASP A 29 -5.24 15.94 37.28
CA ASP A 29 -6.35 15.13 36.80
C ASP A 29 -7.21 14.49 37.97
N ALA A 30 -6.72 14.58 39.20
CA ALA A 30 -7.57 14.35 40.38
C ALA A 30 -8.62 15.46 40.52
N ASN A 31 -8.38 16.64 39.95
CA ASN A 31 -9.30 17.77 40.07
C ASN A 31 -10.59 17.48 39.42
N ALA A 32 -11.55 18.38 39.62
CA ALA A 32 -12.90 18.23 39.07
C ALA A 32 -12.88 18.50 37.60
N GLY A 33 -12.22 19.61 37.28
CA GLY A 33 -11.96 20.04 35.92
C GLY A 33 -12.95 21.06 35.44
N THR A 34 -13.92 21.44 36.29
CA THR A 34 -15.05 22.27 35.86
C THR A 34 -14.95 23.76 36.27
N SER A 35 -13.83 24.11 36.87
CA SER A 35 -13.56 25.50 37.17
C SER A 35 -12.10 25.81 36.88
N GLU A 36 -11.90 27.07 36.53
CA GLU A 36 -10.63 27.58 36.09
C GLU A 36 -9.55 27.40 37.14
N ASN A 37 -9.93 27.64 38.41
CA ASN A 37 -8.97 27.52 39.53
C ASN A 37 -8.52 26.08 39.85
N ALA A 38 -9.28 25.08 39.37
CA ALA A 38 -8.93 23.65 39.59
C ALA A 38 -9.09 22.83 38.30
N PRO A 39 -8.14 22.97 37.34
CA PRO A 39 -8.28 22.37 36.02
C PRO A 39 -7.56 21.03 35.91
N TRP A 40 -8.01 20.23 34.95
CA TRP A 40 -7.35 19.00 34.59
C TRP A 40 -5.94 19.30 34.01
N LYS A 41 -5.12 18.24 34.00
CA LYS A 41 -3.76 18.27 33.50
C LYS A 41 -3.58 17.74 32.05
N SER A 42 -4.42 16.78 31.67
CA SER A 42 -4.18 15.96 30.50
C SER A 42 -5.47 15.77 29.68
N LEU A 43 -5.34 15.39 28.41
CA LEU A 43 -6.49 15.28 27.56
C LEU A 43 -7.19 13.97 27.74
N THR A 44 -6.49 12.97 28.28
CA THR A 44 -7.12 11.68 28.63
C THR A 44 -8.46 11.90 29.34
N LYS A 45 -8.55 12.90 30.22
CA LYS A 45 -9.80 13.15 31.00
C LYS A 45 -10.95 13.65 30.12
N VAL A 46 -10.61 14.40 29.05
CA VAL A 46 -11.57 14.94 28.11
C VAL A 46 -12.02 13.80 27.19
N ASN A 47 -11.05 13.00 26.78
CA ASN A 47 -11.32 11.85 25.95
C ASN A 47 -12.27 10.88 26.61
N ASP A 48 -12.09 10.72 27.92
CA ASP A 48 -12.94 9.85 28.77
C ASP A 48 -14.40 10.27 28.80
N ILE A 49 -14.66 11.59 28.75
CA ILE A 49 -16.04 12.13 28.69
C ILE A 49 -16.52 12.80 27.36
N ALA A 50 -15.74 12.70 26.27
CA ALA A 50 -16.09 13.51 25.07
C ALA A 50 -17.38 13.07 24.38
N SER A 51 -17.63 11.78 24.33
CA SER A 51 -18.88 11.28 23.74
C SER A 51 -20.15 11.72 24.45
N ASP A 52 -20.03 12.16 25.71
CA ASP A 52 -21.14 12.78 26.45
C ASP A 52 -21.14 14.30 26.44
N LEU A 53 -20.24 14.95 25.68
CA LEU A 53 -20.35 16.39 25.48
C LEU A 53 -21.62 16.65 24.73
N GLY A 54 -22.27 17.75 25.07
CA GLY A 54 -23.55 18.14 24.50
C GLY A 54 -23.69 19.63 24.41
N PRO A 55 -24.89 20.13 24.04
CA PRO A 55 -25.08 21.51 23.71
C PRO A 55 -24.61 22.44 24.84
N GLY A 56 -23.84 23.45 24.47
CA GLY A 56 -23.27 24.41 25.40
C GLY A 56 -22.08 23.96 26.23
N ASP A 57 -21.68 22.72 26.08
CA ASP A 57 -20.49 22.27 26.81
C ASP A 57 -19.22 22.78 26.09
N SER A 58 -18.15 22.94 26.86
CA SER A 58 -16.91 23.56 26.35
C SER A 58 -15.73 22.90 26.97
N VAL A 59 -14.64 22.74 26.21
CA VAL A 59 -13.41 22.18 26.70
C VAL A 59 -12.40 23.27 26.38
N LEU A 60 -11.86 23.92 27.42
CA LEU A 60 -10.91 25.02 27.23
C LEU A 60 -9.53 24.59 27.68
N LEU A 61 -8.53 24.79 26.80
CA LEU A 61 -7.14 24.40 27.03
C LEU A 61 -6.30 25.65 27.28
N GLU A 62 -5.39 25.60 28.27
CA GLU A 62 -4.73 26.83 28.71
C GLU A 62 -3.66 27.29 27.72
N TYR A 63 -3.74 28.56 27.28
CA TYR A 63 -2.70 29.22 26.48
C TYR A 63 -1.39 28.96 27.18
N GLY A 64 -0.38 28.63 26.41
CA GLY A 64 0.88 28.22 26.93
C GLY A 64 1.04 26.74 27.11
N SER A 65 -0.06 25.99 27.12
CA SER A 65 0.04 24.53 27.28
C SER A 65 0.66 23.79 26.09
N GLU A 66 1.30 22.68 26.42
CA GLU A 66 1.81 21.71 25.48
C GLU A 66 1.44 20.33 26.00
N PHE A 67 0.46 19.73 25.34
CA PHE A 67 0.03 18.40 25.59
C PHE A 67 0.77 17.44 24.67
N ASN A 68 1.89 16.93 25.17
CA ASN A 68 2.78 16.06 24.39
C ASN A 68 2.33 14.65 24.47
N ASP A 69 2.49 13.94 23.35
CA ASP A 69 2.00 12.59 23.17
C ASP A 69 0.54 12.44 23.52
N GLN A 70 -0.26 13.49 23.25
CA GLN A 70 -1.65 13.49 23.55
C GLN A 70 -2.47 13.82 22.28
N TYR A 71 -3.78 13.65 22.38
CA TYR A 71 -4.73 13.77 21.28
C TYR A 71 -6.12 13.97 21.84
N LEU A 72 -7.02 14.48 21.03
CA LEU A 72 -8.41 14.64 21.41
C LEU A 72 -9.27 13.90 20.40
N HIS A 73 -10.01 12.88 20.85
CA HIS A 73 -10.92 12.18 19.94
C HIS A 73 -12.37 12.36 20.44
N ILE A 74 -13.24 12.91 19.61
CA ILE A 74 -14.65 13.16 19.99
C ILE A 74 -15.49 12.34 19.02
N LYS A 75 -16.27 11.40 19.52
CA LYS A 75 -17.13 10.53 18.67
C LYS A 75 -18.61 10.55 19.00
N ASP A 76 -19.46 10.64 17.97
CA ASP A 76 -20.86 10.23 18.06
C ASP A 76 -21.61 11.10 19.08
N THR A 77 -21.45 12.42 18.97
CA THR A 77 -22.24 13.31 19.77
C THR A 77 -22.52 14.59 18.99
N ALA A 78 -23.07 15.60 19.69
CA ALA A 78 -23.49 16.85 19.07
C ALA A 78 -23.86 17.91 20.07
N GLY A 79 -23.54 19.16 19.73
CA GLY A 79 -24.26 20.34 20.21
C GLY A 79 -25.55 20.53 19.46
N ASN A 80 -26.05 21.75 19.42
CA ASN A 80 -27.24 22.04 18.63
C ASN A 80 -27.23 23.48 18.21
N ALA A 81 -28.21 23.86 17.39
CA ALA A 81 -28.23 25.20 16.79
C ALA A 81 -28.18 26.32 17.80
N ASP A 82 -28.76 26.08 18.99
CA ASP A 82 -28.78 27.10 20.03
C ASP A 82 -27.49 27.18 20.77
N ALA A 83 -26.83 26.04 20.95
CA ALA A 83 -25.58 25.98 21.73
C ALA A 83 -24.66 24.83 21.27
N PRO A 84 -23.50 25.19 20.70
CA PRO A 84 -22.65 24.10 20.14
C PRO A 84 -21.74 23.56 21.22
N ILE A 85 -21.09 22.43 20.95
CA ILE A 85 -19.88 22.08 21.73
C ILE A 85 -18.70 23.02 21.31
N THR A 86 -17.93 23.51 22.26
CA THR A 86 -16.79 24.37 21.99
C THR A 86 -15.49 23.78 22.52
N ILE A 87 -14.46 23.66 21.64
CA ILE A 87 -13.10 23.26 22.03
C ILE A 87 -12.18 24.42 21.75
N SER A 88 -11.61 25.03 22.79
CA SER A 88 -10.91 26.30 22.62
C SER A 88 -9.86 26.53 23.68
N ALA A 89 -9.38 27.77 23.79
CA ALA A 89 -8.35 28.16 24.73
C ALA A 89 -8.91 29.10 25.81
N TYR A 90 -8.23 29.15 26.94
CA TYR A 90 -8.50 30.19 27.96
C TYR A 90 -7.17 30.66 28.47
N GLY A 91 -7.16 31.80 29.13
CA GLY A 91 -5.97 32.27 29.82
C GLY A 91 -5.46 33.50 29.13
N ASP A 92 -4.16 33.68 29.15
CA ASP A 92 -3.56 34.82 28.51
C ASP A 92 -3.09 34.42 27.08
N ALA A 93 -3.68 35.06 26.05
CA ALA A 93 -3.37 34.77 24.60
C ALA A 93 -1.89 34.95 24.24
N ASP A 94 -1.17 35.82 24.95
CA ASP A 94 0.24 36.03 24.74
C ASP A 94 1.09 34.87 25.15
N GLU A 95 0.55 33.92 25.91
CA GLU A 95 1.29 32.73 26.28
C GLU A 95 1.42 31.75 25.12
N GLY A 96 0.61 31.93 24.09
CA GLY A 96 0.76 31.09 22.87
C GLY A 96 -0.35 30.07 22.84
N LYS A 97 -0.88 29.81 21.64
CA LYS A 97 -1.94 28.81 21.49
C LYS A 97 -1.58 27.54 22.18
N PRO A 98 -2.56 26.89 22.82
CA PRO A 98 -2.27 25.59 23.37
C PRO A 98 -1.91 24.58 22.28
N VAL A 99 -0.99 23.69 22.56
CA VAL A 99 -0.49 22.76 21.57
C VAL A 99 -0.95 21.37 21.93
N ILE A 100 -1.58 20.69 20.94
CA ILE A 100 -1.83 19.26 21.01
C ILE A 100 -0.89 18.59 20.05
N ALA A 101 -0.03 17.74 20.56
CA ALA A 101 1.05 17.14 19.79
C ALA A 101 0.99 15.66 20.01
N SER A 102 0.35 14.95 19.07
CA SER A 102 0.17 13.53 19.22
C SER A 102 1.39 12.72 19.02
N ASN A 103 2.40 13.26 18.29
CA ASN A 103 3.54 12.52 17.86
C ASN A 103 3.30 11.08 17.36
N GLY A 104 2.14 10.88 16.76
CA GLY A 104 1.81 9.61 16.18
C GLY A 104 1.57 8.48 17.22
N VAL A 105 1.45 8.81 18.51
CA VAL A 105 1.36 7.72 19.53
C VAL A 105 0.22 6.78 19.29
N LYS A 106 0.44 5.52 19.66
CA LYS A 106 -0.49 4.44 19.52
C LYS A 106 -1.93 4.84 19.86
N GLY A 107 -2.13 5.63 20.91
CA GLY A 107 -3.45 6.01 21.34
C GLY A 107 -4.22 6.94 20.38
N SER A 108 -3.47 7.64 19.52
CA SER A 108 -4.11 8.45 18.47
C SER A 108 -4.57 7.63 17.24
N GLN A 109 -4.20 6.36 17.17
CA GLN A 109 -4.40 5.50 16.02
C GLN A 109 -5.77 4.85 16.00
N TRP A 110 -6.39 4.83 14.82
CA TRP A 110 -7.78 4.30 14.62
C TRP A 110 -7.83 3.65 13.27
N GLU A 111 -8.77 2.75 13.09
CA GLU A 111 -8.89 2.01 11.86
C GLU A 111 -9.90 2.74 10.93
N GLN A 112 -9.35 3.40 9.89
CA GLN A 112 -10.21 3.94 8.84
C GLN A 112 -10.64 2.89 7.83
N ASP A 113 -11.89 2.96 7.36
CA ASP A 113 -12.42 2.05 6.37
C ASP A 113 -13.61 2.71 5.67
N TYR A 114 -13.41 3.06 4.37
CA TYR A 114 -14.48 3.54 3.54
C TYR A 114 -15.61 2.50 3.36
N ARG A 115 -15.29 1.20 3.41
CA ARG A 115 -16.24 0.10 3.22
C ARG A 115 -16.84 0.11 1.81
N ALA A 116 -16.05 0.62 0.87
CA ALA A 116 -16.35 0.54 -0.57
C ALA A 116 -15.10 0.87 -1.28
N ASN A 117 -15.07 0.49 -2.53
CA ASN A 117 -14.00 0.98 -3.45
C ASN A 117 -14.23 2.44 -3.79
N VAL A 118 -13.18 3.22 -3.65
CA VAL A 118 -13.16 4.66 -3.86
C VAL A 118 -12.00 5.01 -4.86
N GLY A 119 -11.91 4.17 -5.87
CA GLY A 119 -10.92 4.30 -6.93
C GLY A 119 -9.60 3.64 -6.60
N ASN A 120 -8.61 3.90 -7.44
CA ASN A 120 -7.31 3.24 -7.29
C ASN A 120 -6.46 3.89 -6.22
N HIS A 121 -6.85 3.65 -4.96
CA HIS A 121 -6.23 4.28 -3.81
C HIS A 121 -6.35 3.36 -2.57
N LYS A 122 -5.48 3.61 -1.62
CA LYS A 122 -5.64 2.96 -0.33
C LYS A 122 -6.94 3.49 0.34
N ASN A 123 -7.86 2.59 0.72
CA ASN A 123 -9.18 3.04 1.24
C ASN A 123 -9.49 2.52 2.69
N LYS A 124 -8.47 1.97 3.37
CA LYS A 124 -8.65 1.20 4.61
C LYS A 124 -7.24 1.18 5.25
N GLY A 125 -7.21 1.33 6.56
CA GLY A 125 -5.92 1.16 7.31
C GLY A 125 -5.88 1.96 8.58
N THR A 126 -4.69 1.95 9.17
CA THR A 126 -4.41 2.63 10.41
C THR A 126 -3.98 4.03 10.23
N VAL A 127 -4.63 4.92 10.92
CA VAL A 127 -4.39 6.35 10.82
C VAL A 127 -4.14 6.86 12.20
N SER A 128 -3.10 7.67 12.35
CA SER A 128 -2.93 8.60 13.50
C SER A 128 -3.50 9.96 13.32
N THR A 129 -4.46 10.34 14.19
CA THR A 129 -5.04 11.66 14.16
C THR A 129 -4.94 12.36 15.54
N THR A 130 -4.43 13.58 15.52
CA THR A 130 -4.25 14.41 16.70
C THR A 130 -5.60 14.90 17.21
N LEU A 131 -6.44 15.42 16.31
CA LEU A 131 -7.80 15.83 16.64
C LEU A 131 -8.81 15.20 15.70
N LEU A 132 -9.56 14.25 16.21
CA LEU A 132 -10.56 13.46 15.45
C LEU A 132 -11.99 13.87 15.85
N LEU A 133 -12.79 14.20 14.83
CA LEU A 133 -14.23 14.47 14.91
C LEU A 133 -14.97 13.39 14.16
N LYS A 134 -15.41 12.32 14.86
CA LYS A 134 -16.15 11.23 14.19
C LYS A 134 -17.63 11.42 14.47
N ASP A 135 -18.40 11.87 13.47
CA ASP A 135 -19.82 12.04 13.61
C ASP A 135 -20.12 12.89 14.84
N VAL A 136 -19.55 14.10 14.78
CA VAL A 136 -19.83 15.14 15.74
C VAL A 136 -20.41 16.29 15.00
N SER A 137 -21.62 16.70 15.39
CA SER A 137 -22.27 17.86 14.79
C SER A 137 -22.38 19.06 15.76
N TYR A 138 -22.58 20.27 15.21
CA TYR A 138 -22.61 21.51 16.03
C TYR A 138 -21.45 21.61 17.05
N ILE A 139 -20.22 21.60 16.54
CA ILE A 139 -18.97 21.79 17.31
C ILE A 139 -18.09 22.85 16.63
N THR A 140 -17.46 23.69 17.43
CA THR A 140 -16.58 24.73 16.95
C THR A 140 -15.27 24.46 17.64
N VAL A 141 -14.16 24.41 16.88
CA VAL A 141 -12.85 24.16 17.42
C VAL A 141 -12.04 25.36 17.04
N SER A 142 -11.40 25.99 18.04
CA SER A 142 -10.68 27.23 17.80
C SER A 142 -9.47 27.41 18.64
N ASN A 143 -8.54 28.19 18.09
CA ASN A 143 -7.42 28.69 18.81
C ASN A 143 -6.47 27.64 19.35
N LEU A 144 -6.34 26.49 18.66
CA LEU A 144 -5.42 25.44 19.03
C LEU A 144 -4.30 25.37 17.97
N GLU A 145 -3.14 24.98 18.44
CA GLU A 145 -2.01 24.58 17.63
C GLU A 145 -1.94 23.08 17.73
N ILE A 146 -1.92 22.45 16.54
CA ILE A 146 -2.03 21.03 16.39
C ILE A 146 -0.92 20.48 15.53
N THR A 147 -0.24 19.47 16.00
CA THR A 147 0.81 18.80 15.25
C THR A 147 0.63 17.30 15.27
N ASN A 148 1.41 16.66 14.43
CA ASN A 148 1.52 15.21 14.43
C ASN A 148 2.85 14.78 13.83
N ASP A 149 3.86 15.02 14.64
CA ASP A 149 5.27 15.01 14.26
C ASP A 149 5.97 13.72 14.47
N ASP A 150 6.89 13.38 13.54
CA ASP A 150 7.76 12.27 13.63
C ASP A 150 9.11 12.96 13.74
N ALA A 151 9.87 12.59 14.79
CA ALA A 151 11.15 13.24 15.02
C ALA A 151 12.11 12.83 13.89
N ASP A 152 11.91 11.66 13.29
CA ASP A 152 12.77 11.23 12.21
C ASP A 152 12.39 11.74 10.79
N VAL A 153 11.44 12.64 10.68
CA VAL A 153 11.10 13.26 9.41
C VAL A 153 11.24 14.75 9.60
N TYR A 154 12.03 15.42 8.74
CA TYR A 154 12.24 16.81 8.89
C TYR A 154 12.62 17.43 7.51
N ASP A 155 11.76 18.31 7.05
CA ASP A 155 11.91 18.87 5.72
C ASP A 155 11.12 20.15 5.65
N PRO A 156 11.50 21.15 6.48
CA PRO A 156 10.75 22.37 6.55
C PRO A 156 10.66 23.22 5.24
N ILE A 157 9.45 23.63 4.87
CA ILE A 157 9.23 24.44 3.63
C ILE A 157 10.02 25.74 3.63
N ASP A 158 10.22 26.29 4.81
CA ASP A 158 10.82 27.62 4.92
C ASP A 158 12.24 27.69 4.39
N THR A 159 12.94 26.56 4.43
CA THR A 159 14.29 26.45 3.86
C THR A 159 14.41 25.37 2.80
N TRP A 160 13.28 24.96 2.25
CA TRP A 160 13.28 23.87 1.28
C TRP A 160 13.96 24.33 0.01
N LYS A 161 14.75 23.44 -0.59
CA LYS A 161 15.37 23.63 -1.91
C LYS A 161 15.54 22.30 -2.56
N TRP A 162 15.62 22.33 -3.88
CA TRP A 162 15.93 21.20 -4.64
C TRP A 162 17.45 20.99 -4.50
N THR A 163 17.85 19.77 -4.17
CA THR A 163 19.26 19.34 -3.97
C THR A 163 19.58 18.30 -5.04
N ASP A 164 20.82 18.19 -5.47
CA ASP A 164 21.18 17.13 -6.42
C ASP A 164 21.21 15.78 -5.77
N THR A 165 21.24 15.74 -4.45
CA THR A 165 21.26 14.47 -3.77
C THR A 165 20.13 14.50 -2.73
N PRO A 166 19.48 13.36 -2.52
CA PRO A 166 18.38 13.38 -1.52
C PRO A 166 18.83 13.70 -0.09
N ASP A 167 18.02 14.47 0.62
CA ASP A 167 18.22 14.68 2.01
C ASP A 167 19.64 15.29 2.38
N SER A 168 20.28 15.98 1.46
CA SER A 168 21.65 16.48 1.70
C SER A 168 21.68 17.78 2.45
N ASP A 169 20.52 18.42 2.60
CA ASP A 169 20.40 19.74 3.20
C ASP A 169 19.97 19.66 4.69
N GLY A 170 20.46 18.67 5.43
CA GLY A 170 20.01 18.45 6.82
C GLY A 170 18.52 18.12 6.97
N THR A 171 18.00 17.35 6.02
CA THR A 171 16.61 16.93 6.08
C THR A 171 16.60 15.44 6.06
N LYS A 172 15.43 14.89 6.35
CA LYS A 172 15.22 13.47 6.34
C LYS A 172 13.71 13.14 6.11
N LEU A 173 13.48 12.11 5.34
CA LEU A 173 12.13 11.70 5.01
C LEU A 173 12.02 10.22 5.15
N ASP A 174 10.78 9.79 5.33
CA ASP A 174 10.44 8.43 5.16
C ASP A 174 9.59 8.24 3.90
N ARG A 175 10.22 7.57 2.91
CA ARG A 175 9.74 7.40 1.58
C ARG A 175 8.93 6.10 1.41
N SER A 176 8.69 5.37 2.52
CA SER A 176 7.96 4.15 2.48
C SER A 176 6.49 4.35 2.02
N ALA A 177 6.09 3.51 1.05
CA ALA A 177 4.71 3.50 0.60
C ALA A 177 3.74 3.10 1.69
N SER A 178 4.25 2.37 2.73
CA SER A 178 3.41 1.88 3.81
C SER A 178 3.46 2.69 5.07
N ARG A 179 4.14 3.83 5.02
CA ARG A 179 4.20 4.77 6.12
C ARG A 179 2.79 4.99 6.67
N MET A 180 2.66 4.96 7.98
CA MET A 180 1.38 5.18 8.59
C MET A 180 0.85 6.57 8.22
N ASP A 181 -0.38 6.58 7.80
CA ASP A 181 -1.16 7.80 7.53
C ASP A 181 -1.40 8.63 8.78
N ARG A 182 -1.30 9.95 8.66
CA ARG A 182 -1.47 10.86 9.78
C ARG A 182 -2.29 12.10 9.42
N THR A 183 -3.20 12.49 10.31
CA THR A 183 -3.94 13.73 10.19
C THR A 183 -3.69 14.68 11.38
N GLY A 184 -3.77 15.96 11.10
CA GLY A 184 -3.87 16.99 12.12
C GLY A 184 -5.26 17.01 12.68
N VAL A 185 -6.22 17.45 11.87
CA VAL A 185 -7.62 17.26 12.15
C VAL A 185 -8.29 16.39 11.11
N ALA A 186 -9.01 15.33 11.53
CA ALA A 186 -9.86 14.54 10.63
C ALA A 186 -11.32 14.67 11.05
N GLY A 187 -12.16 14.90 10.07
CA GLY A 187 -13.62 15.00 10.20
C GLY A 187 -14.16 13.78 9.50
N ILE A 188 -14.77 12.84 10.27
CA ILE A 188 -15.17 11.54 9.72
C ILE A 188 -16.68 11.29 9.92
N ALA A 189 -17.42 11.11 8.84
CA ALA A 189 -18.83 10.71 8.86
C ALA A 189 -18.95 9.27 8.39
N GLU A 190 -19.36 8.36 9.29
CA GLU A 190 -19.54 6.98 8.87
C GLU A 190 -20.72 6.23 9.55
N ASN A 191 -21.82 6.94 9.79
CA ASN A 191 -23.02 6.37 10.46
C ASN A 191 -24.21 6.31 9.51
N GLY A 192 -24.03 6.75 8.26
CA GLY A 192 -25.12 6.86 7.34
C GLY A 192 -26.00 8.07 7.59
N ALA A 193 -25.44 9.10 8.18
CA ALA A 193 -26.15 10.36 8.41
C ALA A 193 -25.26 11.52 8.11
N THR A 194 -25.92 12.67 8.03
CA THR A 194 -25.27 13.94 7.90
C THR A 194 -24.53 14.27 9.18
N MET A 195 -23.32 14.84 9.01
CA MET A 195 -22.50 15.44 10.05
C MET A 195 -22.43 16.91 9.71
N SER A 196 -23.00 17.78 10.56
CA SER A 196 -23.25 19.17 10.18
C SER A 196 -22.70 20.16 11.14
N ASN A 197 -22.59 21.42 10.71
CA ASN A 197 -22.30 22.54 11.58
C ASN A 197 -21.01 22.36 12.38
N VAL A 198 -19.94 21.96 11.66
CA VAL A 198 -18.58 21.91 12.20
C VAL A 198 -17.85 23.16 11.74
N THR A 199 -17.19 23.87 12.67
CA THR A 199 -16.42 25.10 12.43
C THR A 199 -15.07 24.92 12.97
N LEU A 200 -14.04 25.13 12.10
CA LEU A 200 -12.63 25.18 12.54
C LEU A 200 -12.18 26.57 12.31
N ASP A 201 -11.58 27.21 13.31
CA ASP A 201 -11.36 28.64 13.30
C ASP A 201 -10.11 28.96 14.03
N ASN A 202 -9.18 29.61 13.34
CA ASN A 202 -7.90 29.95 13.88
C ASN A 202 -7.13 28.84 14.50
N LEU A 203 -7.01 27.73 13.76
CA LEU A 203 -6.09 26.66 14.12
C LEU A 203 -4.72 26.84 13.45
N TYR A 204 -3.68 26.34 14.10
CA TYR A 204 -2.36 26.28 13.52
C TYR A 204 -1.93 24.83 13.46
N ILE A 205 -2.02 24.25 12.25
CA ILE A 205 -1.75 22.83 12.07
C ILE A 205 -0.42 22.70 11.34
N HIS A 206 0.50 22.01 11.93
CA HIS A 206 1.83 21.87 11.29
C HIS A 206 2.55 20.67 11.71
N ASP A 207 3.52 20.26 10.89
CA ASP A 207 4.36 19.09 11.16
C ASP A 207 3.50 17.89 11.39
N VAL A 208 2.64 17.64 10.39
CA VAL A 208 1.85 16.42 10.32
C VAL A 208 2.55 15.54 9.36
N ASP A 209 3.33 14.57 9.87
CA ASP A 209 4.28 13.84 9.05
C ASP A 209 3.64 12.54 8.57
N GLY A 210 2.64 12.71 7.75
CA GLY A 210 1.92 11.60 7.17
C GLY A 210 2.63 10.84 6.06
N ASN A 211 1.87 10.02 5.36
CA ASN A 211 2.34 9.18 4.27
C ASN A 211 2.52 10.16 3.02
N ILE A 212 3.62 10.03 2.30
CA ILE A 212 3.90 10.93 1.17
C ILE A 212 2.89 10.70 -0.01
N TYR A 213 2.40 9.48 -0.17
CA TYR A 213 1.67 9.06 -1.38
C TYR A 213 0.18 9.15 -1.25
N ASN A 214 -0.39 8.72 -0.12
CA ASN A 214 -1.83 8.38 -0.11
C ASN A 214 -2.72 9.56 -0.15
N LYS A 215 -3.61 9.56 -1.14
CA LYS A 215 -4.45 10.71 -1.46
C LYS A 215 -5.76 10.75 -0.74
N HIS A 216 -6.27 9.60 -0.28
CA HIS A 216 -7.67 9.58 0.28
C HIS A 216 -7.84 8.83 1.60
N MET A 217 -6.73 8.48 2.24
CA MET A 217 -6.75 8.26 3.70
C MET A 217 -6.75 9.59 4.35
N ALA A 218 -7.10 9.63 5.65
CA ALA A 218 -7.05 10.83 6.41
C ALA A 218 -5.64 11.25 6.73
N ASN A 219 -5.02 11.86 5.73
CA ASN A 219 -3.58 11.95 5.64
C ASN A 219 -3.17 13.27 5.13
N GLY A 220 -2.89 14.16 6.05
CA GLY A 220 -2.71 15.56 5.77
C GLY A 220 -3.03 16.49 6.92
N GLY A 221 -3.03 17.79 6.66
CA GLY A 221 -3.35 18.82 7.72
C GLY A 221 -4.76 18.71 8.26
N ILE A 222 -5.74 18.81 7.36
CA ILE A 222 -7.15 18.69 7.68
C ILE A 222 -7.78 17.81 6.58
N TYR A 223 -8.41 16.73 6.96
CA TYR A 223 -9.16 15.94 5.96
C TYR A 223 -10.54 15.56 6.48
N PHE A 224 -11.54 15.85 5.67
CA PHE A 224 -12.95 15.44 5.97
C PHE A 224 -13.42 14.49 4.93
N MET A 225 -13.88 13.30 5.34
CA MET A 225 -14.37 12.30 4.46
C MET A 225 -15.49 11.47 5.05
N ALA A 226 -16.16 10.72 4.19
CA ALA A 226 -17.35 9.99 4.54
C ALA A 226 -17.21 8.55 4.11
N HIS A 227 -17.62 7.63 4.99
CA HIS A 227 -17.62 6.21 4.64
C HIS A 227 -19.03 5.59 4.66
N TYR A 228 -19.18 4.44 4.05
CA TYR A 228 -20.36 3.60 4.29
C TYR A 228 -20.24 3.03 5.75
N PRO A 229 -21.37 2.92 6.48
CA PRO A 229 -21.29 2.31 7.83
C PRO A 229 -21.13 0.79 7.74
N MET A 230 -21.52 0.19 6.64
CA MET A 230 -21.27 -1.21 6.43
C MET A 230 -20.98 -1.43 4.98
N GLU A 231 -20.32 -2.55 4.65
CA GLU A 231 -20.05 -2.89 3.25
C GLU A 231 -21.35 -3.10 2.53
N ASN A 232 -21.38 -2.72 1.24
CA ASN A 232 -22.55 -2.92 0.40
C ASN A 232 -22.51 -4.27 -0.19
N THR A 233 -23.04 -5.24 0.56
CA THR A 233 -22.94 -6.65 0.14
C THR A 233 -24.21 -7.30 -0.41
N SER A 234 -25.36 -6.63 -0.34
CA SER A 234 -26.59 -7.23 -0.89
C SER A 234 -27.50 -6.18 -1.45
N ALA A 235 -28.61 -6.64 -2.05
CA ALA A 235 -29.69 -5.76 -2.44
C ALA A 235 -30.21 -4.95 -1.26
N GLU A 236 -30.31 -5.55 -0.08
CA GLU A 236 -30.80 -4.88 1.14
C GLU A 236 -29.89 -3.80 1.69
N THR A 237 -28.56 -4.05 1.71
CA THR A 237 -27.60 -2.99 2.05
C THR A 237 -27.71 -1.82 1.04
N ASP A 238 -27.86 -2.15 -0.20
CA ASP A 238 -27.91 -1.16 -1.27
C ASP A 238 -29.11 -0.25 -1.20
N VAL A 239 -30.31 -0.81 -0.91
CA VAL A 239 -31.51 0.02 -0.66
C VAL A 239 -31.26 0.96 0.47
N TRP A 240 -30.67 0.44 1.56
CA TRP A 240 -30.40 1.24 2.75
C TRP A 240 -29.39 2.39 2.53
N LEU A 241 -28.24 2.01 1.97
CA LEU A 241 -27.20 3.06 1.68
C LEU A 241 -27.67 4.12 0.69
N ARG A 242 -28.42 3.73 -0.34
CA ARG A 242 -29.01 4.75 -1.23
C ARG A 242 -29.80 5.87 -0.47
N GLU A 243 -30.35 5.58 0.72
CA GLU A 243 -31.15 6.55 1.48
C GLU A 243 -30.53 7.05 2.74
N HIS A 244 -29.50 6.36 3.27
CA HIS A 244 -28.91 6.79 4.50
C HIS A 244 -27.46 7.13 4.15
N VAL A 245 -27.23 8.44 4.04
CA VAL A 245 -26.02 9.01 3.47
C VAL A 245 -25.10 9.61 4.53
N SER A 246 -23.89 9.02 4.69
CA SER A 246 -22.83 9.74 5.45
C SER A 246 -22.34 10.91 4.59
N ARG A 247 -22.42 12.13 5.10
CA ARG A 247 -22.14 13.37 4.31
C ARG A 247 -21.97 14.51 5.23
N PHE A 248 -21.47 15.62 4.71
CA PHE A 248 -21.29 16.86 5.45
C PHE A 248 -22.23 18.00 5.02
N ASP A 249 -22.57 18.83 6.00
CA ASP A 249 -23.27 20.07 5.73
C ASP A 249 -22.88 21.14 6.69
N HIS A 250 -22.67 22.37 6.20
CA HIS A 250 -22.22 23.47 7.09
C HIS A 250 -20.91 23.18 7.74
N VAL A 251 -19.92 22.88 6.89
CA VAL A 251 -18.55 22.76 7.39
C VAL A 251 -17.87 24.05 7.03
N THR A 252 -17.33 24.74 8.02
CA THR A 252 -16.59 25.97 7.80
C THR A 252 -15.24 25.82 8.32
N ILE A 253 -14.21 26.06 7.48
CA ILE A 253 -12.81 26.08 7.92
C ILE A 253 -12.28 27.45 7.59
N ARG A 254 -11.88 28.22 8.61
CA ARG A 254 -11.47 29.60 8.41
C ARG A 254 -10.37 30.03 9.32
N ASN A 255 -9.63 31.02 8.85
CA ASN A 255 -8.55 31.71 9.61
C ASN A 255 -7.49 30.83 10.07
N SER A 256 -7.31 29.67 9.37
CA SER A 256 -6.36 28.74 9.87
C SER A 256 -5.11 28.69 8.98
N THR A 257 -4.07 28.13 9.56
CA THR A 257 -2.80 27.88 8.89
C THR A 257 -2.44 26.45 8.94
N VAL A 258 -2.13 25.89 7.78
CA VAL A 258 -1.66 24.51 7.68
C VAL A 258 -0.29 24.51 7.01
N LYS A 259 0.72 23.96 7.66
CA LYS A 259 2.15 24.08 7.21
C LYS A 259 2.92 22.83 7.42
N ASP A 260 3.72 22.39 6.43
CA ASP A 260 4.57 21.29 6.64
C ASP A 260 3.82 20.00 7.05
N VAL A 261 2.99 19.52 6.12
CA VAL A 261 2.15 18.38 6.30
C VAL A 261 2.25 17.49 5.09
N ASP A 262 2.14 16.17 5.31
CA ASP A 262 2.00 15.20 4.23
C ASP A 262 0.72 14.36 4.42
N ARG A 263 -0.06 14.10 3.37
CA ARG A 263 0.09 14.59 2.00
C ARG A 263 -0.71 15.88 1.70
N TRP A 264 -2.04 15.88 1.90
CA TRP A 264 -2.92 16.99 1.58
C TRP A 264 -2.78 18.12 2.59
N GLY A 265 -2.89 19.36 2.14
CA GLY A 265 -3.06 20.52 3.04
C GLY A 265 -4.44 20.44 3.75
N ILE A 266 -5.48 20.80 3.01
CA ILE A 266 -6.86 20.78 3.43
C ILE A 266 -7.67 20.08 2.35
N ALA A 267 -8.33 18.95 2.67
CA ALA A 267 -9.32 18.34 1.72
C ALA A 267 -10.63 18.05 2.42
N VAL A 268 -11.73 18.29 1.73
CA VAL A 268 -13.07 18.07 2.26
C VAL A 268 -13.99 17.46 1.26
N GLY A 269 -14.56 16.31 1.64
CA GLY A 269 -15.72 15.72 0.99
C GLY A 269 -15.58 14.37 0.33
N TYR A 270 -14.36 13.82 0.21
CA TYR A 270 -14.25 12.49 -0.41
C TYR A 270 -15.20 11.46 0.27
N THR A 271 -15.78 10.59 -0.51
CA THR A 271 -16.90 9.81 -0.03
C THR A 271 -17.09 8.50 -0.70
N ALA A 272 -17.40 7.50 0.13
CA ALA A 272 -17.79 6.21 -0.37
C ALA A 272 -18.99 6.28 -1.25
N TYR A 273 -19.82 7.32 -1.06
CA TYR A 273 -21.01 7.49 -1.86
C TYR A 273 -20.71 8.05 -3.24
N LEU A 274 -19.43 8.24 -3.61
CA LEU A 274 -19.03 8.38 -5.04
C LEU A 274 -19.48 7.22 -5.89
N ASN A 275 -19.71 6.05 -5.27
CA ASN A 275 -20.25 4.95 -6.01
C ASN A 275 -21.65 5.23 -6.57
N TYR A 276 -22.39 6.15 -5.95
CA TYR A 276 -23.67 6.64 -6.53
C TYR A 276 -23.49 7.93 -7.34
N ILE A 277 -22.68 8.84 -6.85
CA ILE A 277 -22.50 10.15 -7.50
C ILE A 277 -21.85 9.91 -8.88
N ASP A 278 -20.95 8.92 -8.93
CA ASP A 278 -20.16 8.63 -10.16
C ASP A 278 -20.64 7.37 -10.91
N ALA A 279 -21.84 6.88 -10.58
CA ALA A 279 -22.40 5.73 -11.31
C ALA A 279 -22.55 5.98 -12.86
N ASN A 280 -22.80 7.23 -13.26
CA ASN A 280 -23.12 7.58 -14.61
C ASN A 280 -22.39 8.91 -14.98
N TYR A 281 -21.19 8.80 -15.50
CA TYR A 281 -20.45 10.05 -15.89
C TYR A 281 -21.22 10.87 -16.98
N GLY A 282 -21.91 10.19 -17.87
CA GLY A 282 -22.69 10.90 -18.89
C GLY A 282 -21.78 11.83 -19.69
N ASP A 283 -22.17 13.10 -19.74
CA ASP A 283 -21.44 14.10 -20.51
C ASP A 283 -20.68 15.01 -19.54
N GLY A 284 -20.55 14.61 -18.26
CA GLY A 284 -19.86 15.45 -17.25
C GLY A 284 -20.78 16.36 -16.46
N SER A 285 -22.00 16.61 -16.95
CA SER A 285 -22.93 17.41 -16.16
C SER A 285 -23.27 16.60 -14.88
N ILE A 286 -23.48 17.30 -13.81
CA ILE A 286 -23.78 16.67 -12.53
C ILE A 286 -25.17 17.19 -12.13
N ASP A 287 -26.06 16.27 -11.90
CA ASP A 287 -27.44 16.61 -11.52
C ASP A 287 -27.47 17.26 -10.15
N ASP A 288 -28.19 18.38 -10.05
CA ASP A 288 -28.37 19.05 -8.76
C ASP A 288 -28.89 18.15 -7.60
N ALA A 289 -29.95 17.40 -7.82
CA ALA A 289 -30.50 16.58 -6.69
C ALA A 289 -29.49 15.51 -6.26
N LEU A 290 -28.83 14.89 -7.25
CA LEU A 290 -27.77 13.89 -7.00
C LEU A 290 -26.66 14.38 -6.07
N ILE A 291 -26.07 15.55 -6.38
CA ILE A 291 -24.99 16.09 -5.62
C ILE A 291 -25.45 16.57 -4.24
N ALA A 292 -26.66 17.09 -4.18
CA ALA A 292 -27.16 17.55 -2.89
C ALA A 292 -27.42 16.34 -1.96
N LYS A 293 -27.96 15.26 -2.52
CA LYS A 293 -28.28 14.03 -1.74
C LYS A 293 -27.04 13.30 -1.20
N TYR A 294 -26.08 13.12 -2.09
CA TYR A 294 -24.90 12.22 -1.84
C TYR A 294 -23.65 12.95 -1.51
N GLY A 295 -23.59 14.23 -1.89
CA GLY A 295 -22.45 15.08 -1.67
C GLY A 295 -22.60 15.97 -0.47
N SER A 296 -21.64 16.87 -0.29
CA SER A 296 -21.57 17.71 0.85
C SER A 296 -22.02 19.16 0.51
N THR A 297 -22.93 19.70 1.32
CA THR A 297 -23.57 21.00 1.11
C THR A 297 -23.00 22.04 2.07
N ASN A 298 -23.08 23.33 1.69
CA ASN A 298 -22.68 24.47 2.53
C ASN A 298 -21.33 24.35 3.12
N VAL A 299 -20.36 23.95 2.28
CA VAL A 299 -18.97 23.91 2.74
C VAL A 299 -18.36 25.27 2.44
N ARG A 300 -17.62 25.85 3.39
CA ARG A 300 -16.93 27.11 3.25
C ARG A 300 -15.50 27.05 3.71
N ILE A 301 -14.56 27.50 2.84
CA ILE A 301 -13.14 27.45 3.14
C ILE A 301 -12.66 28.89 2.96
N GLU A 302 -12.36 29.56 4.08
CA GLU A 302 -12.23 31.06 4.12
C GLU A 302 -10.98 31.47 4.84
N ASN A 303 -10.15 32.37 4.26
CA ASN A 303 -9.04 32.99 5.03
C ASN A 303 -8.03 32.05 5.64
N ASN A 304 -7.73 30.96 4.93
CA ASN A 304 -6.68 30.06 5.37
C ASN A 304 -5.37 30.27 4.60
N TYR A 305 -4.29 29.79 5.20
CA TYR A 305 -2.98 29.77 4.55
C TYR A 305 -2.50 28.37 4.55
N VAL A 306 -2.15 27.82 3.35
CA VAL A 306 -1.57 26.49 3.27
C VAL A 306 -0.17 26.61 2.63
N LYS A 307 0.86 26.28 3.38
CA LYS A 307 2.21 26.37 2.96
C LYS A 307 2.93 25.06 3.11
N GLY A 308 3.55 24.57 2.05
CA GLY A 308 4.43 23.43 2.26
C GLY A 308 3.74 22.12 2.51
N ALA A 309 2.53 21.96 1.96
CA ALA A 309 1.97 20.65 1.87
C ALA A 309 2.84 19.79 0.96
N GLY A 310 2.89 18.51 1.26
CA GLY A 310 3.62 17.52 0.48
C GLY A 310 3.00 17.44 -0.91
N GLY A 311 1.65 17.47 -0.94
CA GLY A 311 0.87 17.37 -2.21
C GLY A 311 0.08 18.64 -2.48
N ASP A 312 -1.21 18.46 -2.74
CA ASP A 312 -2.16 19.54 -3.07
C ASP A 312 -2.44 20.46 -1.87
N ALA A 313 -2.77 21.69 -2.16
CA ALA A 313 -2.98 22.71 -1.14
C ALA A 313 -4.41 22.58 -0.52
N ILE A 314 -5.46 22.86 -1.30
CA ILE A 314 -6.86 22.86 -0.85
C ILE A 314 -7.69 22.20 -1.94
N THR A 315 -8.38 21.14 -1.62
CA THR A 315 -9.28 20.51 -2.58
C THR A 315 -10.66 20.20 -2.01
N LEU A 316 -11.67 20.54 -2.77
CA LEU A 316 -13.06 20.24 -2.43
C LEU A 316 -13.55 19.13 -3.29
N MET A 317 -14.05 18.08 -2.64
CA MET A 317 -14.49 16.87 -3.32
C MET A 317 -15.96 16.59 -3.15
N TYR A 318 -16.66 16.35 -4.24
CA TYR A 318 -18.09 15.87 -4.12
C TYR A 318 -18.84 16.88 -3.29
N CYS A 319 -18.57 18.17 -3.54
CA CYS A 319 -19.26 19.25 -2.85
C CYS A 319 -20.26 19.94 -3.75
N ASP A 320 -21.47 20.18 -3.21
CA ASP A 320 -22.46 20.98 -3.85
C ASP A 320 -22.24 22.49 -3.50
N ARG A 321 -21.85 23.30 -4.50
CA ARG A 321 -21.65 24.73 -4.35
C ARG A 321 -20.85 25.16 -3.14
N PRO A 322 -19.65 24.58 -2.95
CA PRO A 322 -18.82 25.15 -1.92
C PRO A 322 -18.35 26.51 -2.31
N VAL A 323 -17.87 27.21 -1.32
CA VAL A 323 -17.27 28.53 -1.49
C VAL A 323 -15.91 28.50 -0.89
N ILE A 324 -14.98 28.89 -1.71
CA ILE A 324 -13.57 28.84 -1.39
C ILE A 324 -13.04 30.24 -1.63
N GLU A 325 -12.78 30.99 -0.57
CA GLU A 325 -12.43 32.41 -0.77
C GLU A 325 -11.44 32.97 0.24
N HIS A 326 -10.60 33.92 -0.22
CA HIS A 326 -9.64 34.59 0.62
C HIS A 326 -8.55 33.68 1.18
N ASN A 327 -8.27 32.51 0.52
CA ASN A 327 -7.20 31.68 0.94
C ASN A 327 -5.94 32.03 0.16
N VAL A 328 -4.82 31.72 0.78
CA VAL A 328 -3.52 31.76 0.22
C VAL A 328 -2.88 30.37 0.28
N GLY A 329 -2.48 29.87 -0.89
CA GLY A 329 -1.64 28.67 -0.94
C GLY A 329 -0.30 29.05 -1.43
N ASP A 330 0.66 28.24 -1.03
CA ASP A 330 2.04 28.62 -1.16
C ASP A 330 2.98 27.42 -1.07
N SER A 331 3.73 27.24 -2.15
CA SER A 331 4.85 26.32 -2.13
C SER A 331 4.45 24.90 -1.70
N VAL A 332 3.43 24.36 -2.39
CA VAL A 332 2.91 23.03 -2.12
C VAL A 332 3.53 22.07 -3.11
N SER A 333 3.14 20.78 -3.11
CA SER A 333 3.75 19.75 -3.95
C SER A 333 5.22 19.55 -3.56
N LYS A 334 5.56 19.86 -2.29
CA LYS A 334 6.92 19.76 -1.82
C LYS A 334 7.49 18.40 -2.09
N HIS A 335 6.70 17.34 -1.85
CA HIS A 335 7.12 15.99 -2.03
C HIS A 335 6.76 15.27 -3.32
N ILE A 336 6.15 15.98 -4.27
CA ILE A 336 5.77 15.39 -5.56
C ILE A 336 6.94 15.58 -6.50
N ASN A 337 7.95 14.74 -6.35
CA ASN A 337 9.19 14.86 -7.15
C ASN A 337 9.89 13.53 -7.15
N THR A 338 10.85 13.36 -8.07
CA THR A 338 11.50 12.10 -8.27
C THR A 338 12.41 11.61 -7.11
N GLN A 339 12.91 12.54 -6.32
CA GLN A 339 13.82 12.23 -5.22
C GLN A 339 13.00 11.73 -3.99
N ASP A 340 11.82 12.35 -3.79
CA ASP A 340 11.00 12.14 -2.57
C ASP A 340 9.81 11.15 -2.76
N TYR A 341 9.29 11.05 -3.98
CA TYR A 341 8.15 10.23 -4.29
C TYR A 341 8.59 8.98 -4.98
N THR A 342 9.28 8.11 -4.24
CA THR A 342 10.04 7.02 -4.82
C THR A 342 9.32 5.67 -4.94
N GLN A 343 8.24 5.49 -4.21
CA GLN A 343 7.53 4.24 -4.14
C GLN A 343 6.02 4.39 -4.54
N PRO A 344 5.78 5.05 -5.67
CA PRO A 344 4.39 5.24 -6.15
C PRO A 344 3.62 3.96 -6.37
N GLY A 345 4.30 2.82 -6.60
CA GLY A 345 3.64 1.51 -6.67
C GLY A 345 2.56 1.45 -7.77
N SER A 346 1.46 0.82 -7.47
CA SER A 346 0.30 0.77 -8.41
C SER A 346 -0.67 1.95 -8.29
N TYR A 347 -0.57 2.77 -7.23
CA TYR A 347 -1.46 3.87 -7.08
C TYR A 347 -1.05 5.07 -7.97
N GLY A 348 0.25 5.24 -8.23
CA GLY A 348 0.74 6.42 -8.89
C GLY A 348 0.66 7.64 -8.05
N GLY A 349 0.00 8.67 -8.59
CA GLY A 349 -0.24 9.92 -7.87
C GLY A 349 0.86 10.92 -7.73
N ARG A 350 1.91 10.88 -8.60
CA ARG A 350 2.99 11.87 -8.54
C ARG A 350 2.57 13.14 -9.32
N VAL A 351 1.45 13.73 -8.85
CA VAL A 351 0.83 14.87 -9.42
C VAL A 351 0.16 15.68 -8.35
N ALA A 352 0.23 17.01 -8.42
CA ALA A 352 -0.57 17.85 -7.50
C ALA A 352 -0.74 19.24 -8.11
N ALA A 353 -1.91 19.83 -7.83
CA ALA A 353 -2.30 21.19 -8.17
C ALA A 353 -2.57 21.98 -6.86
N GLY A 354 -2.87 23.25 -6.97
CA GLY A 354 -2.94 24.15 -5.89
C GLY A 354 -4.28 24.08 -5.15
N ILE A 355 -5.26 24.81 -5.67
CA ILE A 355 -6.53 25.06 -4.92
C ILE A 355 -7.64 24.76 -5.90
N TRP A 356 -8.39 23.71 -5.67
CA TRP A 356 -9.24 23.17 -6.76
C TRP A 356 -10.40 22.23 -6.38
N PRO A 357 -11.33 21.99 -7.31
CA PRO A 357 -12.46 21.04 -7.08
C PRO A 357 -12.40 19.73 -7.84
N TRP A 358 -12.89 18.65 -7.21
CA TRP A 358 -13.10 17.33 -7.82
C TRP A 358 -14.57 16.92 -7.70
N ARG A 359 -15.19 16.73 -8.83
CA ARG A 359 -16.58 16.33 -8.94
C ARG A 359 -17.46 17.14 -7.99
N CYS A 360 -17.31 18.44 -8.08
CA CYS A 360 -18.24 19.36 -7.48
C CYS A 360 -19.23 19.91 -8.54
N LYS A 361 -20.33 20.49 -8.03
CA LYS A 361 -21.27 21.24 -8.84
C LYS A 361 -21.18 22.69 -8.46
N ASP A 362 -20.89 23.55 -9.46
CA ASP A 362 -20.83 25.01 -9.30
C ASP A 362 -20.08 25.51 -8.06
N PRO A 363 -18.82 25.00 -7.83
CA PRO A 363 -18.02 25.59 -6.77
C PRO A 363 -17.59 26.99 -7.18
N VAL A 364 -17.43 27.85 -6.20
CA VAL A 364 -16.88 29.20 -6.36
C VAL A 364 -15.58 29.44 -5.64
N PHE A 365 -14.54 29.71 -6.46
CA PHE A 365 -13.20 29.98 -6.01
C PHE A 365 -12.94 31.43 -6.33
N GLN A 366 -12.89 32.25 -5.29
CA GLN A 366 -12.78 33.73 -5.45
C GLN A 366 -11.90 34.38 -4.45
N TYR A 367 -11.14 35.38 -4.93
CA TYR A 367 -10.26 36.17 -4.06
C TYR A 367 -9.21 35.30 -3.34
N ASN A 368 -8.63 34.28 -4.01
CA ASN A 368 -7.55 33.50 -3.45
C ASN A 368 -6.21 33.88 -4.14
N GLU A 369 -5.09 33.64 -3.45
CA GLU A 369 -3.76 33.79 -4.05
C GLU A 369 -3.14 32.41 -4.03
N MET A 370 -2.35 32.09 -5.06
CA MET A 370 -1.65 30.81 -5.11
C MET A 370 -0.24 30.99 -5.70
N TYR A 371 0.76 30.68 -4.90
CA TYR A 371 2.22 30.91 -5.17
C TYR A 371 2.99 29.59 -5.31
N ASN A 372 3.87 29.53 -6.30
CA ASN A 372 5.00 28.69 -6.29
C ASN A 372 4.66 27.22 -6.10
N ASN A 373 3.61 26.72 -6.76
CA ASN A 373 3.39 25.29 -6.71
C ASN A 373 4.63 24.59 -7.26
N LEU A 374 5.20 23.65 -6.49
CA LEU A 374 6.54 23.16 -6.75
C LEU A 374 6.62 21.95 -7.71
N ASN A 375 7.80 21.81 -8.28
CA ASN A 375 8.32 20.54 -8.71
C ASN A 375 7.91 20.03 -10.12
N ALA A 376 7.26 20.84 -10.93
CA ALA A 376 6.93 20.41 -12.28
C ALA A 376 8.23 20.10 -13.04
N GLU A 377 9.32 20.71 -12.63
CA GLU A 377 10.69 20.48 -13.24
C GLU A 377 11.33 19.19 -12.77
N HIS A 378 10.75 18.55 -11.76
CA HIS A 378 11.37 17.43 -11.09
C HIS A 378 10.42 16.27 -10.82
N GLY A 379 9.41 16.10 -11.68
CA GLY A 379 8.50 14.94 -11.64
C GLY A 379 7.04 15.19 -11.24
N ASN A 380 6.71 16.41 -10.83
CA ASN A 380 5.28 16.77 -10.62
C ASN A 380 4.65 16.81 -12.04
N GLY A 381 3.81 15.81 -12.33
CA GLY A 381 3.07 15.79 -13.61
C GLY A 381 1.98 16.86 -13.85
N ASP A 382 1.68 17.65 -12.80
CA ASP A 382 0.84 18.82 -12.81
C ASP A 382 1.65 20.04 -12.34
N GLY A 383 1.30 20.70 -11.23
CA GLY A 383 1.94 21.91 -10.84
C GLY A 383 1.25 23.22 -11.06
N GLN A 384 -0.02 23.20 -11.36
CA GLN A 384 -0.77 24.39 -11.65
C GLN A 384 -1.22 25.08 -10.36
N ALA A 385 -1.56 26.34 -10.47
CA ALA A 385 -2.25 27.01 -9.34
C ALA A 385 -3.63 26.46 -9.12
N TRP A 386 -4.36 26.37 -10.23
CA TRP A 386 -5.79 26.15 -10.32
C TRP A 386 -6.02 24.98 -11.21
N ASP A 387 -7.07 24.23 -10.96
CA ASP A 387 -7.41 23.00 -11.69
C ASP A 387 -8.91 22.78 -11.70
N ALA A 388 -9.57 23.14 -12.79
CA ALA A 388 -10.96 22.78 -13.03
C ALA A 388 -10.96 21.37 -13.48
N ASP A 389 -10.93 20.45 -12.52
CA ASP A 389 -10.84 19.05 -12.73
C ASP A 389 -12.18 18.45 -13.09
N TYR A 390 -12.31 17.14 -13.10
CA TYR A 390 -13.62 16.56 -13.35
C TYR A 390 -14.64 17.27 -12.42
N GLY A 391 -15.78 17.64 -13.01
CA GLY A 391 -16.86 18.32 -12.35
C GLY A 391 -17.49 19.36 -13.28
N ASP A 392 -18.51 20.04 -12.78
CA ASP A 392 -19.42 20.79 -13.63
C ASP A 392 -19.62 22.16 -13.00
N GLY A 393 -19.29 23.21 -13.77
CA GLY A 393 -19.56 24.60 -13.37
C GLY A 393 -18.60 25.31 -12.47
N THR A 394 -17.33 24.89 -12.51
CA THR A 394 -16.34 25.53 -11.66
C THR A 394 -16.21 27.01 -12.08
N LEU A 395 -16.25 27.90 -11.08
CA LEU A 395 -16.08 29.33 -11.23
C LEU A 395 -14.86 29.77 -10.49
N TYR A 396 -13.81 30.12 -11.26
CA TYR A 396 -12.69 30.78 -10.74
C TYR A 396 -12.75 32.29 -11.10
N GLN A 397 -12.83 33.15 -10.08
CA GLN A 397 -12.86 34.59 -10.32
C GLN A 397 -12.13 35.37 -9.31
N TYR A 398 -11.43 36.41 -9.78
CA TYR A 398 -10.67 37.34 -8.92
C TYR A 398 -9.57 36.70 -8.11
N ASN A 399 -8.86 35.71 -8.68
CA ASN A 399 -7.78 35.06 -8.02
C ASN A 399 -6.47 35.52 -8.65
N TYR A 400 -5.41 35.47 -7.85
CA TYR A 400 -4.06 35.77 -8.30
C TYR A 400 -3.20 34.56 -8.19
N SER A 401 -2.39 34.32 -9.24
CA SER A 401 -1.43 33.27 -9.20
C SER A 401 -0.05 33.81 -9.61
N TYR A 402 0.98 33.38 -8.87
CA TYR A 402 2.35 33.71 -9.17
C TYR A 402 3.31 32.56 -9.14
N GLY A 403 4.18 32.44 -10.18
CA GLY A 403 5.31 31.62 -10.05
C GLY A 403 5.06 30.13 -9.91
N ASN A 404 3.91 29.65 -10.43
CA ASN A 404 3.62 28.23 -10.32
C ASN A 404 4.48 27.50 -11.35
N SER A 405 4.87 26.28 -11.03
CA SER A 405 5.92 25.61 -11.87
C SER A 405 5.33 25.03 -13.18
N PHE A 406 4.02 24.85 -13.22
CA PHE A 406 3.33 24.42 -14.47
C PHE A 406 1.91 25.02 -14.56
N ALA A 407 1.84 26.20 -15.24
CA ALA A 407 0.57 26.84 -15.61
C ALA A 407 -0.22 27.49 -14.44
N SER A 408 -1.05 28.45 -14.82
CA SER A 408 -2.09 28.98 -13.88
C SER A 408 -3.23 28.01 -13.77
N LEU A 409 -3.88 27.69 -14.90
CA LEU A 409 -5.09 26.94 -14.90
C LEU A 409 -5.04 25.71 -15.72
N MET A 410 -5.32 24.55 -15.10
CA MET A 410 -5.71 23.38 -15.84
C MET A 410 -7.24 23.22 -15.95
N ILE A 411 -7.73 22.74 -17.11
CA ILE A 411 -9.08 22.14 -17.27
C ILE A 411 -8.88 20.71 -17.64
N CYS A 412 -9.28 19.78 -16.78
CA CYS A 412 -8.74 18.40 -16.86
C CYS A 412 -9.62 17.28 -17.47
N ASN A 413 -9.38 16.95 -18.75
CA ASN A 413 -9.89 15.71 -19.35
C ASN A 413 -11.42 15.73 -19.52
N TRP A 414 -12.01 14.62 -19.94
CA TRP A 414 -13.33 14.58 -20.56
C TRP A 414 -14.44 15.15 -19.68
N TYR A 415 -14.35 14.87 -18.40
CA TYR A 415 -15.40 15.24 -17.48
C TYR A 415 -15.24 16.52 -16.73
N ALA A 416 -14.27 17.32 -17.15
CA ALA A 416 -14.19 18.68 -16.70
C ALA A 416 -14.99 19.53 -17.70
N VAL A 417 -16.13 20.05 -17.26
CA VAL A 417 -17.05 20.76 -18.14
C VAL A 417 -17.57 22.04 -17.51
N ASN A 418 -17.96 22.96 -18.39
CA ASN A 418 -18.62 24.19 -17.93
C ASN A 418 -17.89 25.05 -16.97
N THR A 419 -16.58 25.28 -17.22
CA THR A 419 -15.79 26.15 -16.40
C THR A 419 -15.89 27.61 -16.85
N THR A 420 -15.89 28.51 -15.89
CA THR A 420 -15.68 29.91 -16.12
C THR A 420 -14.43 30.34 -15.33
N PHE A 421 -13.49 30.99 -16.02
CA PHE A 421 -12.25 31.56 -15.44
C PHE A 421 -12.18 33.06 -15.83
N ARG A 422 -12.48 33.95 -14.89
CA ARG A 422 -12.66 35.40 -15.21
C ARG A 422 -12.13 36.29 -14.14
N TYR A 423 -11.56 37.42 -14.56
CA TYR A 423 -11.09 38.47 -13.68
C TYR A 423 -10.02 37.99 -12.79
N ASN A 424 -9.16 37.11 -13.32
CA ASN A 424 -8.00 36.62 -12.61
C ASN A 424 -6.75 37.27 -13.19
N ILE A 425 -5.68 37.30 -12.39
CA ILE A 425 -4.37 37.74 -12.83
C ILE A 425 -3.43 36.59 -12.59
N SER A 426 -2.65 36.33 -13.63
CA SER A 426 -1.57 35.36 -13.62
C SER A 426 -0.24 36.03 -13.90
N GLN A 427 0.71 35.87 -13.00
CA GLN A 427 2.04 36.49 -13.16
C GLN A 427 3.20 35.55 -12.99
N ASN A 428 4.05 35.44 -14.04
CA ASN A 428 5.24 34.56 -13.97
C ASN A 428 4.90 33.09 -13.68
N ASP A 429 3.73 32.65 -14.11
CA ASP A 429 3.40 31.20 -14.12
C ASP A 429 4.16 30.57 -15.29
N ARG A 430 4.76 29.40 -15.08
CA ARG A 430 5.78 28.88 -16.01
C ARG A 430 5.20 27.76 -16.91
N GLN A 431 5.87 27.58 -18.07
CA GLN A 431 5.56 26.47 -19.00
C GLN A 431 4.19 26.51 -19.68
N GLY A 432 3.53 27.67 -19.59
CA GLY A 432 2.21 27.82 -20.14
C GLY A 432 1.33 28.50 -19.07
N VAL A 433 0.35 29.26 -19.50
CA VAL A 433 -0.62 29.82 -18.57
C VAL A 433 -1.87 28.95 -18.43
N PHE A 434 -2.38 28.50 -19.57
CA PHE A 434 -3.53 27.71 -19.69
C PHE A 434 -3.19 26.33 -20.16
N ASP A 435 -3.64 25.32 -19.43
CA ASP A 435 -3.40 23.91 -19.73
C ASP A 435 -4.73 23.18 -20.00
N LEU A 436 -4.92 22.74 -21.23
CA LEU A 436 -6.19 22.20 -21.71
C LEU A 436 -6.03 20.79 -22.24
N PRO A 437 -5.65 19.83 -21.35
CA PRO A 437 -5.49 18.43 -21.75
C PRO A 437 -6.81 17.67 -21.94
N SER A 438 -7.31 17.65 -23.18
CA SER A 438 -8.47 16.78 -23.58
C SER A 438 -9.77 17.04 -22.74
N ASN A 439 -9.93 18.26 -22.29
CA ASN A 439 -11.04 18.63 -21.42
C ASN A 439 -12.37 18.66 -22.26
N GLY A 440 -13.43 18.56 -21.52
CA GLY A 440 -14.72 18.67 -22.04
C GLY A 440 -15.06 20.09 -22.43
N PRO A 441 -16.29 20.31 -22.91
CA PRO A 441 -16.63 21.60 -23.47
C PRO A 441 -17.24 22.53 -22.46
N GLY A 442 -17.66 23.72 -22.96
CA GLY A 442 -18.35 24.70 -22.14
C GLY A 442 -17.53 25.70 -21.37
N ASN A 443 -16.24 25.77 -21.63
CA ASN A 443 -15.34 26.59 -20.88
C ASN A 443 -15.09 27.98 -21.45
N HIS A 444 -15.10 28.94 -20.56
CA HIS A 444 -15.15 30.35 -20.95
C HIS A 444 -14.16 31.09 -20.10
N ILE A 445 -13.08 31.62 -20.74
CA ILE A 445 -11.95 32.27 -20.08
C ILE A 445 -11.97 33.75 -20.53
N TYR A 446 -12.40 34.64 -19.65
CA TYR A 446 -12.52 36.03 -20.06
C TYR A 446 -12.11 37.00 -19.04
N ASN A 447 -11.68 38.19 -19.50
CA ASN A 447 -11.34 39.32 -18.64
C ASN A 447 -10.27 38.98 -17.62
N ASN A 448 -9.29 38.16 -18.03
CA ASN A 448 -8.12 37.92 -17.23
C ASN A 448 -6.99 38.77 -17.76
N THR A 449 -6.02 39.09 -16.91
CA THR A 449 -4.76 39.63 -17.36
C THR A 449 -3.64 38.65 -17.04
N VAL A 450 -2.87 38.28 -18.08
CA VAL A 450 -1.83 37.27 -17.92
C VAL A 450 -0.50 37.79 -18.45
N TYR A 451 0.52 37.70 -17.62
CA TYR A 451 1.82 38.30 -17.79
C TYR A 451 2.71 37.10 -17.98
N VAL A 452 3.16 36.93 -19.22
CA VAL A 452 3.83 35.73 -19.70
C VAL A 452 5.31 36.00 -19.96
N ASP A 453 6.15 35.39 -19.14
CA ASP A 453 7.57 35.61 -19.19
C ASP A 453 8.26 34.59 -20.12
N ALA A 454 9.57 34.70 -20.19
CA ALA A 454 10.38 33.93 -21.11
C ALA A 454 10.42 32.46 -20.75
N ASP A 455 9.98 32.13 -19.49
CA ASP A 455 9.86 30.75 -19.11
C ASP A 455 8.49 30.18 -19.37
N SER A 456 7.68 30.87 -20.17
CA SER A 456 6.30 30.49 -20.29
C SER A 456 5.77 30.84 -21.71
N GLN A 457 4.47 30.62 -21.92
CA GLN A 457 3.80 30.89 -23.16
C GLN A 457 2.31 30.91 -22.80
N VAL A 458 1.44 31.04 -23.76
CA VAL A 458 0.01 31.07 -23.50
C VAL A 458 -0.58 29.72 -23.14
N LEU A 459 -0.36 28.71 -23.97
CA LEU A 459 -0.92 27.39 -23.79
C LEU A 459 0.21 26.46 -23.40
N THR A 460 -0.06 25.55 -22.49
CA THR A 460 0.96 24.46 -22.28
C THR A 460 1.10 23.62 -23.59
N LYS A 461 2.29 23.05 -23.78
CA LYS A 461 2.56 22.20 -24.98
C LYS A 461 1.55 21.10 -25.19
N ARG A 462 1.05 20.53 -24.09
CA ARG A 462 0.11 19.42 -24.17
C ARG A 462 -1.34 19.80 -24.46
N SER A 463 -1.64 21.08 -24.47
CA SER A 463 -3.04 21.54 -24.62
C SER A 463 -3.60 21.08 -25.96
N ASN A 464 -4.86 20.72 -25.97
CA ASN A 464 -5.48 20.26 -27.23
C ASN A 464 -6.97 20.51 -27.34
N SER A 465 -7.60 21.18 -26.39
CA SER A 465 -9.06 21.16 -26.35
C SER A 465 -9.66 22.51 -26.14
N GLN A 466 -10.95 22.53 -25.71
CA GLN A 466 -11.80 23.69 -25.86
C GLN A 466 -11.61 24.72 -24.80
N SER A 467 -11.65 26.01 -25.24
CA SER A 467 -11.92 27.14 -24.38
C SER A 467 -12.22 28.30 -25.26
N LEU A 468 -13.06 29.20 -24.73
CA LEU A 468 -13.37 30.45 -25.44
C LEU A 468 -12.76 31.54 -24.69
N PHE A 469 -11.82 32.26 -25.34
CA PHE A 469 -11.05 33.31 -24.73
C PHE A 469 -11.60 34.68 -25.26
N GLU A 470 -12.07 35.55 -24.36
CA GLU A 470 -12.60 36.87 -24.74
C GLU A 470 -12.20 37.86 -23.75
N ASN A 471 -12.01 39.14 -24.20
CA ASN A 471 -11.69 40.23 -23.32
C ASN A 471 -10.42 40.06 -22.45
N ASN A 472 -9.51 39.16 -22.81
CA ASN A 472 -8.32 39.02 -22.02
C ASN A 472 -7.26 40.00 -22.44
N ILE A 473 -6.39 40.36 -21.53
CA ILE A 473 -5.11 40.97 -21.92
C ILE A 473 -3.99 39.91 -21.82
N PHE A 474 -3.33 39.61 -22.92
CA PHE A 474 -2.14 38.70 -22.99
C PHE A 474 -0.95 39.59 -23.10
N ILE A 475 -0.01 39.53 -22.13
CA ILE A 475 1.20 40.33 -22.11
C ILE A 475 2.43 39.50 -22.35
N ASN A 476 3.09 39.73 -23.51
CA ASN A 476 4.38 39.10 -23.78
C ASN A 476 5.43 39.90 -23.05
N ALA A 477 5.80 39.43 -21.87
CA ALA A 477 6.81 40.06 -21.06
C ALA A 477 8.22 39.50 -21.41
N THR A 478 8.60 39.66 -22.67
CA THR A 478 9.99 39.19 -23.15
C THR A 478 10.54 40.32 -24.06
N ASN A 479 11.78 40.18 -24.49
CA ASN A 479 12.55 41.28 -25.19
C ASN A 479 12.47 41.31 -26.72
N THR A 480 11.59 40.50 -27.29
CA THR A 480 11.26 40.63 -28.71
C THR A 480 9.74 40.44 -28.91
N LYS A 481 9.25 40.86 -30.05
CA LYS A 481 7.85 40.69 -30.40
C LYS A 481 7.67 39.23 -30.75
N LYS A 482 7.02 38.50 -29.85
CA LYS A 482 6.99 37.05 -29.93
C LYS A 482 5.95 36.58 -30.96
N THR A 483 6.32 35.57 -31.70
CA THR A 483 5.38 34.81 -32.55
C THR A 483 4.87 33.66 -31.69
N GLU A 484 3.66 33.85 -31.20
CA GLU A 484 3.13 32.92 -30.21
C GLU A 484 2.33 31.81 -30.86
N THR A 485 2.38 30.60 -30.26
CA THR A 485 1.49 29.54 -30.69
C THR A 485 0.13 29.69 -29.95
N TRP A 486 -0.86 30.26 -30.64
CA TRP A 486 -2.16 30.53 -30.09
C TRP A 486 -3.11 29.37 -30.05
N ASN A 487 -2.86 28.38 -30.93
CA ASN A 487 -3.71 27.23 -31.10
C ASN A 487 -2.92 25.95 -31.10
N ARG A 488 -3.39 25.00 -30.30
CA ARG A 488 -2.95 23.61 -30.33
C ARG A 488 -4.10 22.61 -30.28
N GLY A 489 -4.11 21.65 -31.20
CA GLY A 489 -5.19 20.67 -31.30
C GLY A 489 -6.57 21.22 -31.68
N SER A 490 -7.53 20.31 -31.70
CA SER A 490 -8.91 20.67 -32.11
C SER A 490 -10.00 19.91 -31.36
N GLN A 491 -9.70 19.32 -30.21
CA GLN A 491 -10.76 18.62 -29.51
C GLN A 491 -11.83 19.59 -29.05
N ASN A 492 -13.10 19.18 -29.30
CA ASN A 492 -14.23 19.93 -28.90
C ASN A 492 -14.19 21.33 -29.46
N GLY A 493 -13.58 21.51 -30.61
CA GLY A 493 -13.52 22.84 -31.28
C GLY A 493 -12.20 23.59 -31.05
N GLY A 494 -11.39 23.13 -30.08
CA GLY A 494 -10.15 23.79 -29.78
C GLY A 494 -10.34 25.13 -29.13
N GLN A 495 -9.34 26.01 -29.27
CA GLN A 495 -9.40 27.32 -28.61
C GLN A 495 -9.90 28.38 -29.62
N THR A 496 -10.95 29.11 -29.23
CA THR A 496 -11.45 30.20 -30.05
C THR A 496 -11.24 31.47 -29.26
N TYR A 497 -10.96 32.56 -29.98
CA TYR A 497 -10.61 33.83 -29.41
C TYR A 497 -11.46 34.96 -30.01
N ASP A 498 -11.87 35.89 -29.18
CA ASP A 498 -12.55 37.08 -29.70
C ASP A 498 -12.40 38.23 -28.80
N ASN A 499 -12.03 39.40 -29.32
CA ASN A 499 -12.05 40.60 -28.56
C ASN A 499 -11.04 40.56 -27.38
N ASN A 500 -9.85 40.02 -27.63
CA ASN A 500 -8.76 40.10 -26.66
C ASN A 500 -7.74 41.16 -27.07
N MET A 501 -6.95 41.58 -26.09
CA MET A 501 -5.80 42.42 -26.25
C MET A 501 -4.52 41.60 -26.24
N TYR A 502 -3.62 41.91 -27.17
CA TYR A 502 -2.33 41.21 -27.36
C TYR A 502 -1.26 42.25 -27.30
N VAL A 503 -0.40 42.20 -26.24
CA VAL A 503 0.58 43.20 -25.91
C VAL A 503 1.98 42.68 -26.21
N ASN A 504 2.65 43.30 -27.22
CA ASN A 504 4.03 43.03 -27.59
C ASN A 504 4.27 41.69 -28.32
N TYR A 505 3.28 41.26 -29.11
CA TYR A 505 3.37 40.08 -29.92
C TYR A 505 3.53 40.49 -31.40
N ALA A 506 4.12 39.57 -32.18
CA ALA A 506 4.22 39.73 -33.67
C ALA A 506 3.02 39.14 -34.41
N ASN A 507 2.18 38.40 -33.70
CA ASN A 507 1.04 37.75 -34.29
C ASN A 507 -0.12 37.73 -33.34
N LYS A 508 -1.19 37.08 -33.77
CA LYS A 508 -2.42 37.00 -33.00
C LYS A 508 -3.17 35.78 -33.47
N PRO A 509 -4.13 35.34 -32.67
CA PRO A 509 -4.88 34.12 -33.06
C PRO A 509 -5.67 34.41 -34.36
N THR A 510 -5.74 33.43 -35.24
CA THR A 510 -6.42 33.61 -36.54
C THR A 510 -7.92 33.68 -36.35
N SER A 511 -8.44 33.08 -35.26
CA SER A 511 -9.85 33.19 -34.92
C SER A 511 -10.30 34.54 -34.42
N ASP A 512 -9.40 35.42 -33.98
CA ASP A 512 -9.83 36.68 -33.35
C ASP A 512 -9.96 37.76 -34.43
N ALA A 513 -11.19 38.00 -34.86
CA ALA A 513 -11.52 39.10 -35.85
C ALA A 513 -11.69 40.48 -35.17
N ASN A 514 -11.64 40.48 -33.84
CA ASN A 514 -11.76 41.70 -33.02
C ASN A 514 -10.59 42.02 -32.10
N ALA A 515 -9.42 41.68 -32.57
CA ALA A 515 -8.17 41.85 -31.77
C ALA A 515 -7.85 43.29 -31.49
N ILE A 516 -7.33 43.57 -30.31
CA ILE A 516 -6.79 44.88 -29.97
C ILE A 516 -5.29 44.59 -29.76
N GLU A 517 -4.43 45.30 -30.48
CA GLU A 517 -3.01 45.07 -30.42
C GLU A 517 -2.27 46.29 -29.93
N ALA A 518 -1.36 46.08 -28.99
CA ALA A 518 -0.59 47.15 -28.41
C ALA A 518 0.88 46.80 -28.36
N ASP A 519 1.71 47.77 -28.66
CA ASP A 519 3.14 47.55 -28.76
C ASP A 519 3.87 47.46 -27.41
N ASP A 520 3.38 48.21 -26.41
CA ASP A 520 4.12 48.52 -25.21
C ASP A 520 3.19 48.43 -24.05
N VAL A 521 3.43 47.45 -23.18
CA VAL A 521 2.56 47.32 -21.99
C VAL A 521 2.55 48.58 -21.10
N SER A 522 3.62 49.38 -21.12
CA SER A 522 3.66 50.64 -20.38
C SER A 522 2.64 51.69 -20.73
N ALA A 523 2.12 51.65 -21.94
CA ALA A 523 1.01 52.51 -22.33
C ALA A 523 -0.34 51.79 -22.15
N VAL A 524 -0.37 50.60 -21.51
CA VAL A 524 -1.61 49.83 -21.31
C VAL A 524 -1.98 49.78 -19.84
N LEU A 525 -1.02 49.38 -19.00
CA LEU A 525 -1.14 49.23 -17.53
C LEU A 525 -0.05 49.94 -16.77
N ALA A 526 -0.32 50.30 -15.52
CA ALA A 526 0.59 51.16 -14.77
C ALA A 526 1.96 50.56 -14.46
N GLY A 527 1.96 49.27 -14.09
CA GLY A 527 3.17 48.60 -13.63
C GLY A 527 3.04 47.08 -13.85
N ALA A 528 2.86 46.61 -15.08
CA ALA A 528 2.74 45.15 -15.29
C ALA A 528 3.92 44.41 -14.71
N GLY A 529 3.64 43.27 -14.05
CA GLY A 529 4.65 42.49 -13.44
C GLY A 529 5.03 42.73 -12.03
N SER A 530 4.44 43.81 -11.44
CA SER A 530 4.78 44.32 -10.13
C SER A 530 3.91 43.76 -9.01
N ALA A 531 3.13 42.73 -9.27
CA ALA A 531 2.35 42.11 -8.22
C ALA A 531 3.16 41.19 -7.42
N PRO A 532 2.62 40.68 -6.30
CA PRO A 532 3.57 40.03 -5.40
C PRO A 532 4.28 38.76 -5.92
N THR A 533 5.49 38.54 -5.42
CA THR A 533 6.25 37.35 -5.81
C THR A 533 6.19 36.24 -4.72
N SER A 534 5.49 36.57 -3.60
CA SER A 534 5.41 35.64 -2.48
C SER A 534 4.20 35.96 -1.67
N ALA A 535 3.81 35.00 -0.85
CA ALA A 535 2.74 35.25 0.12
C ALA A 535 3.29 36.28 1.13
N LEU A 536 2.37 36.98 1.79
CA LEU A 536 2.72 37.76 3.00
C LEU A 536 3.25 36.83 4.05
N LYS A 537 4.26 37.27 4.79
CA LYS A 537 4.84 36.49 5.86
C LYS A 537 3.78 35.86 6.80
N SER A 538 2.72 36.61 7.07
CA SER A 538 1.61 36.13 7.91
C SER A 538 0.75 35.07 7.27
N GLY A 539 0.78 34.96 5.94
CA GLY A 539 -0.14 34.07 5.26
C GLY A 539 -1.42 34.71 4.91
N ALA A 540 -1.63 35.96 5.35
CA ALA A 540 -2.88 36.67 4.97
C ALA A 540 -2.80 37.04 3.49
N GLU A 541 -3.94 37.23 2.84
CA GLU A 541 -3.98 37.79 1.53
C GLU A 541 -3.40 39.20 1.52
N HIS A 542 -2.83 39.62 0.38
CA HIS A 542 -2.39 41.01 0.18
C HIS A 542 -3.59 41.92 0.11
N ALA A 543 -3.42 43.15 0.58
CA ALA A 543 -4.45 44.18 0.31
C ALA A 543 -4.57 44.45 -1.18
N ARG A 544 -5.80 44.69 -1.63
CA ARG A 544 -6.07 45.17 -2.97
C ARG A 544 -6.43 46.65 -3.13
N THR A 545 -6.69 47.33 -2.00
CA THR A 545 -6.98 48.78 -1.90
C THR A 545 -6.26 49.40 -0.70
N GLY A 546 -6.06 50.73 -0.72
CA GLY A 546 -5.35 51.40 0.37
C GLY A 546 -3.84 51.46 0.23
N GLU A 547 -3.15 51.91 1.30
CA GLU A 547 -1.72 52.20 1.20
C GLU A 547 -0.93 50.94 0.83
N LYS A 548 -1.41 49.77 1.27
CA LYS A 548 -0.72 48.49 1.05
C LYS A 548 -1.18 47.73 -0.18
N ALA A 549 -2.05 48.31 -1.01
CA ALA A 549 -2.55 47.63 -2.18
C ALA A 549 -1.40 47.10 -3.05
N ALA A 550 -1.52 45.85 -3.52
CA ALA A 550 -0.42 45.16 -4.13
C ALA A 550 -0.61 44.89 -5.60
N PHE A 551 -1.75 45.26 -6.13
CA PHE A 551 -2.06 44.99 -7.51
C PHE A 551 -2.28 46.17 -8.39
N ASP A 552 -1.83 47.34 -7.97
CA ASP A 552 -2.11 48.59 -8.67
C ASP A 552 -1.35 48.70 -10.03
N GLY A 553 -0.27 47.92 -10.19
CA GLY A 553 0.37 47.82 -11.53
C GLY A 553 -0.55 47.30 -12.60
N TYR A 554 -1.63 46.59 -12.22
CA TYR A 554 -2.53 46.02 -13.19
C TYR A 554 -3.72 46.93 -13.56
N ARG A 555 -3.75 48.13 -12.97
CA ARG A 555 -4.74 49.12 -13.35
C ARG A 555 -4.33 49.79 -14.68
N PRO A 556 -5.29 49.93 -15.60
CA PRO A 556 -5.05 50.63 -16.84
C PRO A 556 -4.66 52.07 -16.56
N VAL A 557 -3.74 52.59 -17.35
CA VAL A 557 -3.32 53.98 -17.28
C VAL A 557 -4.27 54.86 -18.11
N ALA A 558 -4.13 56.18 -17.96
CA ALA A 558 -4.97 57.08 -18.76
C ALA A 558 -4.77 56.85 -20.25
N GLY A 559 -5.86 56.81 -21.00
CA GLY A 559 -5.80 56.63 -22.43
C GLY A 559 -5.55 55.22 -22.88
N SER A 560 -5.49 54.28 -21.94
CA SER A 560 -5.18 52.89 -22.27
C SER A 560 -6.18 52.28 -23.29
N LYS A 561 -5.66 51.58 -24.29
CA LYS A 561 -6.48 50.88 -25.23
C LYS A 561 -7.36 49.77 -24.62
N ALA A 562 -7.23 49.53 -23.32
CA ALA A 562 -8.04 48.54 -22.64
C ALA A 562 -9.39 49.17 -22.29
N ILE A 563 -9.40 50.49 -22.09
CA ILE A 563 -10.56 51.14 -21.50
C ILE A 563 -11.71 51.09 -22.49
N ASN A 564 -12.88 50.64 -22.03
CA ASN A 564 -14.08 50.50 -22.85
C ASN A 564 -13.90 49.76 -24.15
N ALA A 565 -12.93 48.82 -24.21
CA ALA A 565 -12.72 48.07 -25.45
C ALA A 565 -13.24 46.63 -25.42
N GLY A 566 -13.77 46.17 -24.29
CA GLY A 566 -14.26 44.83 -24.20
C GLY A 566 -15.63 44.62 -24.76
N LYS A 567 -15.94 43.40 -25.13
CA LYS A 567 -17.33 43.01 -25.52
C LYS A 567 -18.16 42.78 -24.23
N VAL A 568 -19.48 42.89 -24.36
CA VAL A 568 -20.39 42.53 -23.31
C VAL A 568 -20.39 41.01 -23.34
N VAL A 569 -19.92 40.41 -22.25
CA VAL A 569 -19.72 38.99 -22.30
C VAL A 569 -21.05 38.29 -22.00
N SER A 570 -21.30 37.23 -22.74
CA SER A 570 -22.35 36.32 -22.34
C SER A 570 -21.81 34.99 -21.76
N ASP A 571 -21.79 34.88 -20.44
CA ASP A 571 -21.12 33.73 -19.75
C ASP A 571 -21.74 32.44 -20.21
N LEU A 572 -20.94 31.49 -20.69
CA LEU A 572 -21.46 30.19 -21.16
C LEU A 572 -22.11 29.39 -20.03
N ASN A 573 -21.81 29.74 -18.77
CA ASN A 573 -22.26 29.00 -17.59
C ASN A 573 -23.23 29.81 -16.69
N ASP A 574 -23.77 30.89 -17.27
CA ASP A 574 -24.86 31.69 -16.65
C ASP A 574 -24.48 32.30 -15.30
N TYR A 575 -23.21 32.72 -15.18
CA TYR A 575 -22.76 33.55 -14.07
C TYR A 575 -22.78 34.98 -14.62
N ALA A 576 -23.63 35.84 -14.08
CA ALA A 576 -23.60 37.26 -14.45
C ALA A 576 -22.29 37.99 -14.02
N VAL A 577 -21.89 38.98 -14.81
CA VAL A 577 -20.71 39.80 -14.49
C VAL A 577 -21.09 40.73 -13.36
N GLU A 578 -20.21 40.89 -12.37
CA GLU A 578 -20.45 41.74 -11.25
C GLU A 578 -19.34 42.76 -11.06
N ASN A 579 -18.14 42.29 -10.81
CA ASN A 579 -17.10 43.17 -10.45
C ASN A 579 -15.80 42.59 -11.05
N ASP A 580 -14.75 43.35 -10.86
CA ASP A 580 -13.43 43.05 -11.42
C ASP A 580 -12.57 42.46 -10.33
N PHE A 581 -11.28 42.25 -10.63
CA PHE A 581 -10.35 41.68 -9.64
C PHE A 581 -10.23 42.47 -8.33
N LEU A 582 -10.32 43.81 -8.40
CA LEU A 582 -10.24 44.64 -7.24
C LEU A 582 -11.60 44.83 -6.52
N GLY A 583 -12.66 44.26 -7.06
CA GLY A 583 -13.98 44.29 -6.45
C GLY A 583 -14.81 45.50 -6.84
N ASN A 584 -14.34 46.28 -7.83
CA ASN A 584 -15.06 47.45 -8.29
C ASN A 584 -16.04 47.04 -9.34
N ALA A 585 -17.17 47.74 -9.40
CA ALA A 585 -18.25 47.34 -10.27
C ALA A 585 -17.87 47.49 -11.71
N VAL A 586 -18.42 46.63 -12.55
CA VAL A 586 -18.19 46.68 -13.97
C VAL A 586 -19.51 47.21 -14.51
N LYS A 587 -19.48 48.29 -15.28
CA LYS A 587 -20.69 48.77 -15.96
C LYS A 587 -20.32 49.33 -17.33
N GLY A 588 -21.22 49.13 -18.27
CA GLY A 588 -21.04 49.67 -19.62
C GLY A 588 -20.32 48.64 -20.43
N ARG A 589 -19.52 49.11 -21.37
CA ARG A 589 -18.57 48.22 -22.03
C ARG A 589 -17.47 47.92 -21.03
N PRO A 590 -17.22 46.62 -20.80
CA PRO A 590 -16.16 46.35 -19.85
C PRO A 590 -14.80 46.73 -20.39
N ASP A 591 -13.91 47.10 -19.49
CA ASP A 591 -12.54 47.28 -19.84
C ASP A 591 -11.93 45.92 -20.14
N LEU A 592 -10.97 45.86 -21.06
CA LEU A 592 -10.26 44.57 -21.26
C LEU A 592 -9.40 44.27 -20.03
N GLY A 593 -9.24 42.95 -19.80
CA GLY A 593 -8.42 42.50 -18.71
C GLY A 593 -9.15 42.40 -17.41
N ALA A 594 -8.39 42.18 -16.35
CA ALA A 594 -8.97 41.91 -15.06
C ALA A 594 -9.31 43.14 -14.21
N VAL A 595 -8.93 44.35 -14.63
CA VAL A 595 -9.02 45.52 -13.77
C VAL A 595 -9.60 46.72 -14.56
N GLU A 596 -10.82 47.12 -14.19
CA GLU A 596 -11.39 48.35 -14.67
C GLU A 596 -10.55 49.61 -14.37
N ALA A 597 -10.47 50.48 -15.38
CA ALA A 597 -9.92 51.84 -15.19
C ALA A 597 -10.89 52.64 -14.35
N ALA A 598 -10.29 53.35 -13.38
CA ALA A 598 -10.97 54.21 -12.41
C ALA A 598 -10.55 55.66 -12.65
N GLY B 17 40.92 -21.03 13.32
CA GLY B 17 40.34 -19.84 14.07
C GLY B 17 40.16 -20.05 15.55
N THR B 18 39.31 -19.23 16.19
CA THR B 18 39.05 -19.28 17.61
C THR B 18 37.64 -19.86 17.87
N THR B 19 37.51 -20.57 18.99
CA THR B 19 36.26 -21.18 19.42
C THR B 19 35.91 -20.57 20.74
N TYR B 20 34.69 -20.04 20.80
CA TYR B 20 34.15 -19.54 21.99
C TYR B 20 33.02 -20.45 22.52
N TYR B 21 32.89 -20.49 23.85
CA TYR B 21 31.98 -21.28 24.63
C TYR B 21 31.12 -20.41 25.49
N VAL B 22 29.81 -20.72 25.52
CA VAL B 22 28.88 -20.01 26.31
C VAL B 22 28.03 -21.07 27.03
N SER B 23 27.80 -20.87 28.34
CA SER B 23 26.99 -21.76 29.20
C SER B 23 26.17 -20.96 30.12
N SER B 24 24.85 -20.97 29.92
CA SER B 24 23.98 -20.23 30.80
C SER B 24 24.04 -20.71 32.25
N ALA B 25 24.27 -21.99 32.47
CA ALA B 25 24.21 -22.56 33.83
C ALA B 25 25.53 -22.49 34.58
N HIS B 26 26.67 -22.64 33.88
CA HIS B 26 28.04 -22.73 34.51
C HIS B 26 29.05 -21.64 34.06
N GLY B 27 28.54 -20.58 33.44
CA GLY B 27 29.42 -19.63 32.76
C GLY B 27 29.54 -18.37 33.55
N ASP B 28 30.53 -17.55 33.16
CA ASP B 28 30.71 -16.18 33.73
C ASP B 28 31.23 -15.32 32.57
N ASP B 29 30.55 -14.19 32.37
CA ASP B 29 30.93 -13.28 31.27
C ASP B 29 32.29 -12.61 31.55
N ALA B 30 32.74 -12.63 32.83
CA ALA B 30 34.09 -12.13 33.20
C ALA B 30 35.17 -13.03 32.68
N ASN B 31 34.81 -14.27 32.32
CA ASN B 31 35.74 -15.24 31.79
C ASN B 31 36.19 -14.91 30.41
N ALA B 32 37.27 -15.54 29.96
CA ALA B 32 37.80 -15.30 28.63
C ALA B 32 36.91 -15.89 27.51
N GLY B 33 36.23 -16.97 27.83
CA GLY B 33 35.34 -17.65 26.90
C GLY B 33 35.91 -18.54 25.83
N THR B 34 37.23 -18.71 25.78
CA THR B 34 37.90 -19.46 24.68
C THR B 34 38.33 -20.91 25.03
N SER B 35 37.97 -21.32 26.24
CA SER B 35 38.12 -22.67 26.73
C SER B 35 36.87 -23.18 27.50
N GLU B 36 36.49 -24.40 27.14
CA GLU B 36 35.37 -25.11 27.73
C GLU B 36 35.19 -25.00 29.24
N ASN B 37 36.25 -24.99 30.04
CA ASN B 37 36.04 -24.90 31.51
C ASN B 37 35.89 -23.48 32.07
N ALA B 38 35.97 -22.47 31.19
CA ALA B 38 35.83 -21.06 31.56
C ALA B 38 34.96 -20.33 30.52
N PRO B 39 33.71 -20.78 30.33
CA PRO B 39 32.91 -20.19 29.26
C PRO B 39 32.16 -18.97 29.74
N TRP B 40 31.73 -18.17 28.73
CA TRP B 40 30.79 -17.06 28.95
C TRP B 40 29.44 -17.54 29.44
N LYS B 41 28.71 -16.68 30.13
CA LYS B 41 27.37 -16.97 30.63
C LYS B 41 26.23 -16.55 29.64
N SER B 42 26.39 -15.42 28.96
CA SER B 42 25.30 -14.79 28.16
C SER B 42 25.78 -14.50 26.81
N LEU B 43 24.85 -14.08 25.97
CA LEU B 43 25.23 -13.86 24.55
C LEU B 43 25.77 -12.42 24.30
N THR B 44 25.98 -11.62 25.35
CA THR B 44 26.51 -10.23 25.24
C THR B 44 27.84 -10.15 24.51
N LYS B 45 28.78 -10.99 24.94
CA LYS B 45 30.13 -10.91 24.38
C LYS B 45 30.14 -11.54 23.03
N VAL B 46 29.18 -12.45 22.77
CA VAL B 46 29.10 -13.00 21.50
C VAL B 46 28.68 -11.83 20.55
N ASN B 47 27.64 -11.11 20.91
CA ASN B 47 27.24 -9.99 20.04
C ASN B 47 28.37 -8.98 19.84
N ASP B 48 29.15 -8.75 20.89
CA ASP B 48 30.25 -7.79 20.85
C ASP B 48 31.27 -8.16 19.76
N ILE B 49 31.56 -9.43 19.54
CA ILE B 49 32.61 -9.85 18.63
C ILE B 49 32.08 -10.46 17.34
N ALA B 50 30.74 -10.62 17.22
CA ALA B 50 30.15 -11.24 16.04
C ALA B 50 30.60 -10.71 14.71
N SER B 51 30.64 -9.40 14.52
CA SER B 51 31.11 -8.82 13.24
C SER B 51 32.57 -9.02 12.95
N ASP B 52 33.34 -9.43 13.96
CA ASP B 52 34.75 -9.75 13.79
C ASP B 52 34.99 -11.23 13.59
N LEU B 53 33.94 -12.03 13.64
CA LEU B 53 34.08 -13.43 13.33
C LEU B 53 34.53 -13.65 11.92
N GLY B 54 35.40 -14.65 11.74
CA GLY B 54 35.96 -14.97 10.46
C GLY B 54 36.17 -16.45 10.21
N PRO B 55 36.84 -16.76 9.10
CA PRO B 55 37.04 -18.17 8.79
C PRO B 55 37.52 -19.05 9.93
N GLY B 56 36.86 -20.18 10.14
CA GLY B 56 37.16 -21.10 11.23
C GLY B 56 36.81 -20.71 12.64
N ASP B 57 36.24 -19.52 12.81
CA ASP B 57 35.76 -19.13 14.10
C ASP B 57 34.45 -19.87 14.39
N SER B 58 34.25 -20.19 15.66
CA SER B 58 33.10 -20.93 16.09
C SER B 58 32.58 -20.38 17.38
N VAL B 59 31.27 -20.44 17.56
CA VAL B 59 30.63 -20.06 18.80
C VAL B 59 29.75 -21.19 19.22
N LEU B 60 29.97 -21.73 20.44
CA LEU B 60 29.29 -22.91 20.91
C LEU B 60 28.60 -22.73 22.22
N LEU B 61 27.34 -23.12 22.22
CA LEU B 61 26.43 -22.87 23.29
C LEU B 61 26.14 -24.27 23.90
N GLU B 62 26.21 -24.32 25.18
CA GLU B 62 26.14 -25.63 25.83
C GLU B 62 24.70 -26.19 25.77
N TYR B 63 24.59 -27.43 25.31
CA TYR B 63 23.38 -28.22 25.43
C TYR B 63 22.83 -28.08 26.84
N GLY B 64 21.52 -27.90 27.00
CA GLY B 64 20.93 -27.54 28.25
C GLY B 64 20.74 -26.07 28.60
N SER B 65 21.45 -25.22 27.88
CA SER B 65 21.45 -23.79 28.18
C SER B 65 20.05 -23.18 27.80
N GLU B 66 19.69 -22.15 28.54
CA GLU B 66 18.57 -21.29 28.21
C GLU B 66 19.08 -19.83 28.28
N PHE B 67 19.11 -19.18 27.11
CA PHE B 67 19.44 -17.78 27.03
C PHE B 67 18.19 -16.98 26.89
N ASN B 68 17.58 -16.72 28.03
CA ASN B 68 16.36 -15.95 28.12
C ASN B 68 16.58 -14.46 27.94
N ASP B 69 15.62 -13.85 27.23
CA ASP B 69 15.72 -12.43 26.78
C ASP B 69 16.97 -12.05 25.99
N GLN B 70 17.50 -13.00 25.25
CA GLN B 70 18.72 -12.85 24.50
C GLN B 70 18.49 -13.15 23.01
N TYR B 71 19.51 -12.92 22.23
CA TYR B 71 19.47 -12.92 20.75
C TYR B 71 20.91 -12.83 20.29
N LEU B 72 21.10 -13.13 19.04
CA LEU B 72 22.34 -12.98 18.38
C LEU B 72 22.18 -12.31 17.06
N HIS B 73 22.71 -11.12 16.94
CA HIS B 73 22.80 -10.49 15.63
C HIS B 73 24.21 -10.47 15.13
N ILE B 74 24.38 -10.87 13.89
CA ILE B 74 25.72 -10.92 13.22
C ILE B 74 25.62 -10.17 11.91
N LYS B 75 26.48 -9.17 11.75
CA LYS B 75 26.43 -8.29 10.54
C LYS B 75 27.77 -8.17 9.83
N ASP B 76 27.71 -8.16 8.50
CA ASP B 76 28.81 -7.68 7.61
C ASP B 76 30.12 -8.40 7.89
N THR B 77 30.06 -9.71 7.85
CA THR B 77 31.29 -10.56 8.06
C THR B 77 31.14 -11.84 7.27
N ALA B 78 32.13 -12.73 7.38
CA ALA B 78 32.14 -13.89 6.57
C ALA B 78 33.24 -14.90 7.03
N GLY B 79 32.95 -16.17 6.77
CA GLY B 79 33.99 -17.22 6.69
C GLY B 79 34.46 -17.34 5.26
N ASN B 80 34.90 -18.51 4.85
CA ASN B 80 35.20 -18.75 3.43
C ASN B 80 35.03 -20.22 3.13
N ALA B 81 35.25 -20.60 1.88
CA ALA B 81 35.08 -21.98 1.40
C ALA B 81 35.84 -23.06 2.18
N ASP B 82 37.01 -22.74 2.73
CA ASP B 82 37.81 -23.72 3.55
C ASP B 82 37.33 -23.93 4.95
N ALA B 83 36.95 -22.81 5.63
CA ALA B 83 36.51 -22.81 6.99
C ALA B 83 35.32 -21.78 7.18
N PRO B 84 34.11 -22.25 7.59
CA PRO B 84 33.05 -21.24 7.77
C PRO B 84 33.10 -20.67 9.16
N ILE B 85 32.22 -19.70 9.43
CA ILE B 85 31.87 -19.38 10.77
C ILE B 85 30.85 -20.42 11.19
N THR B 86 30.98 -20.95 12.38
CA THR B 86 30.01 -21.90 12.97
C THR B 86 29.40 -21.37 14.22
N ILE B 87 28.06 -21.41 14.28
CA ILE B 87 27.33 -21.22 15.49
C ILE B 87 26.59 -22.54 15.81
N SER B 88 26.84 -23.13 16.98
CA SER B 88 26.38 -24.48 17.31
C SER B 88 26.36 -24.79 18.75
N ALA B 89 26.25 -26.09 19.11
CA ALA B 89 26.16 -26.48 20.47
C ALA B 89 27.36 -27.35 20.84
N TYR B 90 27.58 -27.51 22.13
CA TYR B 90 28.64 -28.41 22.65
C TYR B 90 28.14 -29.02 23.92
N GLY B 91 28.68 -30.21 24.29
CA GLY B 91 28.32 -30.85 25.53
C GLY B 91 27.51 -32.15 25.33
N ASP B 92 26.60 -32.38 26.27
CA ASP B 92 25.76 -33.56 26.26
C ASP B 92 24.40 -33.26 25.61
N ALA B 93 24.21 -33.71 24.37
CA ALA B 93 22.95 -33.56 23.57
C ALA B 93 21.66 -33.98 24.27
N ASP B 94 21.72 -34.99 25.13
CA ASP B 94 20.56 -35.38 25.91
C ASP B 94 20.06 -34.30 26.83
N GLU B 95 20.94 -33.34 27.15
CA GLU B 95 20.52 -32.12 27.83
C GLU B 95 19.55 -31.20 27.02
N GLY B 96 19.47 -31.37 25.73
CA GLY B 96 18.57 -30.56 24.89
C GLY B 96 19.32 -29.40 24.20
N LYS B 97 18.88 -29.10 22.99
CA LYS B 97 19.37 -27.98 22.24
C LYS B 97 19.43 -26.70 23.13
N PRO B 98 20.52 -25.98 23.04
CA PRO B 98 20.56 -24.68 23.74
C PRO B 98 19.43 -23.78 23.13
N VAL B 99 18.69 -23.13 24.01
CA VAL B 99 17.58 -22.31 23.64
C VAL B 99 18.01 -20.86 23.60
N ILE B 100 17.65 -20.16 22.50
CA ILE B 100 17.80 -18.66 22.46
C ILE B 100 16.39 -18.16 22.42
N ALA B 101 15.96 -17.50 23.50
CA ALA B 101 14.59 -16.99 23.59
C ALA B 101 14.60 -15.46 23.69
N SER B 102 14.41 -14.75 22.56
CA SER B 102 14.53 -13.24 22.65
C SER B 102 13.31 -12.62 23.34
N ASN B 103 12.16 -13.28 23.33
CA ASN B 103 10.94 -12.74 23.91
C ASN B 103 10.54 -11.31 23.38
N GLY B 104 10.95 -10.99 22.19
CA GLY B 104 10.62 -9.70 21.53
C GLY B 104 11.29 -8.50 22.18
N VAL B 105 12.32 -8.74 23.02
CA VAL B 105 12.92 -7.64 23.73
C VAL B 105 13.50 -6.58 22.83
N LYS B 106 13.55 -5.33 23.37
CA LYS B 106 14.16 -4.19 22.62
C LYS B 106 15.45 -4.45 21.89
N GLY B 107 16.37 -5.17 22.57
CA GLY B 107 17.68 -5.44 21.97
C GLY B 107 17.66 -6.37 20.77
N SER B 108 16.57 -7.12 20.59
CA SER B 108 16.44 -8.01 19.47
C SER B 108 15.90 -7.28 18.20
N GLN B 109 15.49 -6.04 18.37
CA GLN B 109 14.80 -5.27 17.36
C GLN B 109 15.77 -4.50 16.48
N TRP B 110 15.44 -4.44 15.21
CA TRP B 110 16.22 -3.74 14.21
C TRP B 110 15.28 -3.15 13.17
N GLU B 111 15.82 -2.27 12.31
CA GLU B 111 14.97 -1.47 11.42
C GLU B 111 15.08 -2.06 10.00
N GLN B 112 13.99 -2.70 9.53
CA GLN B 112 13.91 -3.28 8.20
C GLN B 112 13.38 -2.18 7.28
N ASP B 113 14.01 -2.06 6.14
CA ASP B 113 13.57 -1.17 5.09
C ASP B 113 14.02 -1.73 3.76
N TYR B 114 13.05 -2.12 2.90
CA TYR B 114 13.36 -2.57 1.58
C TYR B 114 13.96 -1.49 0.69
N ARG B 115 13.69 -0.27 1.04
CA ARG B 115 14.04 0.92 0.28
C ARG B 115 13.57 0.92 -1.16
N ALA B 116 12.41 0.28 -1.37
CA ALA B 116 11.74 0.25 -2.68
C ALA B 116 10.30 -0.23 -2.44
N ASN B 117 9.40 0.11 -3.34
CA ASN B 117 8.09 -0.47 -3.30
C ASN B 117 8.16 -1.90 -3.67
N VAL B 118 7.57 -2.78 -2.86
CA VAL B 118 7.63 -4.24 -3.11
C VAL B 118 6.21 -4.81 -3.06
N GLY B 119 5.32 -3.97 -3.57
CA GLY B 119 3.94 -4.36 -3.71
C GLY B 119 3.12 -3.77 -2.57
N ASN B 120 1.85 -4.17 -2.55
CA ASN B 120 0.90 -3.57 -1.66
C ASN B 120 1.02 -4.28 -0.26
N HIS B 121 2.10 -3.91 0.45
CA HIS B 121 2.51 -4.57 1.69
C HIS B 121 3.34 -3.65 2.53
N LYS B 122 3.34 -3.87 3.85
CA LYS B 122 4.28 -3.19 4.70
C LYS B 122 5.73 -3.54 4.26
N ASN B 123 6.59 -2.55 4.08
CA ASN B 123 7.94 -2.78 3.59
C ASN B 123 9.05 -2.11 4.45
N LYS B 124 8.67 -1.60 5.59
CA LYS B 124 9.52 -0.82 6.47
C LYS B 124 8.96 -0.81 7.84
N GLY B 125 9.83 -1.01 8.86
CA GLY B 125 9.39 -0.95 10.24
C GLY B 125 10.38 -1.69 11.16
N THR B 126 10.10 -1.57 12.43
CA THR B 126 10.80 -2.31 13.45
C THR B 126 10.40 -3.82 13.51
N VAL B 127 11.46 -4.66 13.54
CA VAL B 127 11.29 -6.10 13.56
C VAL B 127 12.14 -6.68 14.73
N SER B 128 11.57 -7.65 15.43
CA SER B 128 12.29 -8.38 16.54
C SER B 128 12.72 -9.69 15.93
N THR B 129 14.04 -9.92 15.96
CA THR B 129 14.60 -11.15 15.39
C THR B 129 15.51 -11.86 16.43
N THR B 130 15.30 -13.14 16.69
CA THR B 130 16.12 -13.86 17.65
C THR B 130 17.51 -14.11 17.09
N LEU B 131 17.58 -14.53 15.87
CA LEU B 131 18.90 -14.67 15.21
C LEU B 131 18.90 -14.00 13.91
N LEU B 132 19.64 -12.90 13.80
CA LEU B 132 19.73 -12.12 12.55
C LEU B 132 21.11 -12.34 11.94
N LEU B 133 21.09 -12.67 10.69
CA LEU B 133 22.26 -12.72 9.79
C LEU B 133 22.17 -11.67 8.73
N LYS B 134 22.83 -10.53 8.96
CA LYS B 134 22.76 -9.39 8.05
C LYS B 134 24.07 -9.37 7.24
N ASP B 135 24.02 -9.81 5.99
CA ASP B 135 25.15 -9.82 5.02
C ASP B 135 26.30 -10.58 5.71
N VAL B 136 26.01 -11.81 6.03
CA VAL B 136 27.03 -12.72 6.58
C VAL B 136 27.08 -13.87 5.63
N SER B 137 28.30 -14.21 5.16
CA SER B 137 28.46 -15.28 4.18
C SER B 137 29.38 -16.37 4.81
N TYR B 138 29.26 -17.59 4.28
CA TYR B 138 30.03 -18.73 4.76
C TYR B 138 29.86 -18.92 6.23
N ILE B 139 28.59 -19.06 6.62
CA ILE B 139 28.21 -19.27 8.01
C ILE B 139 27.27 -20.48 8.08
N THR B 140 27.49 -21.29 9.11
CA THR B 140 26.67 -22.47 9.43
C THR B 140 26.15 -22.34 10.86
N VAL B 141 24.82 -22.45 11.00
CA VAL B 141 24.16 -22.36 12.26
C VAL B 141 23.40 -23.70 12.46
N SER B 142 23.70 -24.43 13.55
CA SER B 142 23.10 -25.75 13.80
C SER B 142 22.86 -26.04 15.22
N ASN B 143 21.89 -26.96 15.44
CA ASN B 143 21.58 -27.56 16.74
C ASN B 143 21.12 -26.62 17.79
N LEU B 144 20.38 -25.56 17.36
CA LEU B 144 19.91 -24.60 18.26
C LEU B 144 18.36 -24.63 18.29
N GLU B 145 17.80 -24.34 19.46
CA GLU B 145 16.38 -24.11 19.58
C GLU B 145 16.18 -22.57 19.73
N ILE B 146 15.26 -22.01 18.94
CA ILE B 146 15.09 -20.56 18.78
C ILE B 146 13.58 -20.21 18.95
N THR B 147 13.29 -19.30 19.85
CA THR B 147 11.91 -18.82 20.07
C THR B 147 11.91 -17.27 20.01
N ASN B 148 10.72 -16.73 19.77
CA ASN B 148 10.48 -15.30 19.89
C ASN B 148 9.06 -15.10 20.38
N ASP B 149 8.89 -15.48 21.63
CA ASP B 149 7.65 -15.70 22.24
C ASP B 149 7.09 -14.45 22.90
N ASP B 150 5.78 -14.34 22.82
CA ASP B 150 4.95 -13.39 23.59
C ASP B 150 4.07 -14.21 24.55
N ALA B 151 4.30 -13.96 25.85
CA ALA B 151 3.53 -14.55 26.93
C ALA B 151 2.03 -14.32 26.75
N ASP B 152 1.67 -13.24 26.06
CA ASP B 152 0.27 -12.89 25.82
C ASP B 152 -0.39 -13.42 24.52
N VAL B 153 0.35 -14.15 23.70
CA VAL B 153 -0.19 -14.84 22.56
C VAL B 153 0.06 -16.36 22.77
N TYR B 154 -1.00 -17.11 22.64
CA TYR B 154 -0.94 -18.56 22.88
C TYR B 154 -2.03 -19.21 22.07
N ASP B 155 -1.64 -19.96 21.04
CA ASP B 155 -2.60 -20.64 20.21
C ASP B 155 -1.95 -21.86 19.56
N PRO B 156 -1.60 -22.88 20.37
CA PRO B 156 -0.79 -24.04 19.89
C PRO B 156 -1.48 -24.90 18.88
N ILE B 157 -0.78 -25.24 17.79
CA ILE B 157 -1.39 -26.03 16.77
C ILE B 157 -1.83 -27.38 17.24
N ASP B 158 -1.13 -27.92 18.21
CA ASP B 158 -1.38 -29.33 18.58
C ASP B 158 -2.75 -29.53 19.17
N THR B 159 -3.36 -28.45 19.70
CA THR B 159 -4.74 -28.47 20.23
C THR B 159 -5.69 -27.51 19.54
N TRP B 160 -5.27 -26.97 18.39
CA TRP B 160 -6.05 -26.01 17.64
C TRP B 160 -7.33 -26.62 17.12
N LYS B 161 -8.41 -25.87 17.31
CA LYS B 161 -9.70 -26.20 16.71
C LYS B 161 -10.48 -24.91 16.38
N TRP B 162 -11.36 -25.00 15.39
CA TRP B 162 -12.29 -23.95 15.05
C TRP B 162 -13.28 -23.75 16.18
N THR B 163 -13.51 -22.48 16.57
CA THR B 163 -14.43 -22.16 17.64
C THR B 163 -15.45 -21.21 17.07
N ASP B 164 -16.67 -21.20 17.66
CA ASP B 164 -17.71 -20.24 17.27
C ASP B 164 -17.41 -18.80 17.67
N THR B 165 -16.69 -18.61 18.76
CA THR B 165 -16.36 -17.33 19.32
C THR B 165 -14.83 -17.22 19.36
N PRO B 166 -14.26 -16.03 19.17
CA PRO B 166 -12.79 -15.93 19.18
C PRO B 166 -12.15 -16.25 20.55
N ASP B 167 -11.06 -17.01 20.54
CA ASP B 167 -10.24 -17.12 21.73
C ASP B 167 -10.98 -17.79 22.95
N SER B 168 -11.99 -18.58 22.68
CA SER B 168 -12.84 -19.11 23.76
C SER B 168 -12.33 -20.46 24.31
N ASP B 169 -11.27 -20.99 23.69
CA ASP B 169 -10.73 -22.32 24.03
C ASP B 169 -9.39 -22.22 24.83
N GLY B 170 -9.24 -21.22 25.71
CA GLY B 170 -8.04 -21.01 26.51
C GLY B 170 -6.84 -20.55 25.65
N THR B 171 -7.12 -19.79 24.60
CA THR B 171 -6.11 -19.29 23.70
C THR B 171 -6.29 -17.78 23.62
N LYS B 172 -5.29 -17.12 23.12
CA LYS B 172 -5.37 -15.68 22.91
C LYS B 172 -4.45 -15.16 21.81
N LEU B 173 -4.97 -14.28 20.96
CA LEU B 173 -4.19 -13.67 19.91
C LEU B 173 -4.17 -12.17 19.97
N ASP B 174 -3.16 -11.57 19.32
CA ASP B 174 -3.10 -10.13 19.14
C ASP B 174 -3.41 -9.94 17.69
N ARG B 175 -4.65 -9.50 17.41
CA ARG B 175 -5.10 -9.25 16.04
C ARG B 175 -4.80 -7.89 15.44
N SER B 176 -4.08 -7.06 16.14
CA SER B 176 -3.76 -5.70 15.71
C SER B 176 -2.97 -5.74 14.40
N ALA B 177 -3.36 -4.90 13.44
CA ALA B 177 -2.62 -4.82 12.20
C ALA B 177 -1.23 -4.31 12.46
N SER B 178 -1.04 -3.52 13.51
CA SER B 178 0.22 -2.88 13.76
C SER B 178 1.15 -3.69 14.67
N ARG B 179 0.78 -4.91 15.04
CA ARG B 179 1.62 -5.74 15.91
C ARG B 179 3.05 -5.82 15.30
N MET B 180 4.08 -5.61 16.11
CA MET B 180 5.44 -5.68 15.64
C MET B 180 5.69 -7.05 15.00
N ASP B 181 6.42 -7.03 13.86
CA ASP B 181 6.81 -8.21 13.22
C ASP B 181 7.93 -8.91 14.05
N ARG B 182 7.94 -10.25 13.99
CA ARG B 182 8.94 -11.06 14.64
C ARG B 182 9.44 -12.19 13.77
N THR B 183 10.74 -12.46 13.82
CA THR B 183 11.31 -13.60 13.13
C THR B 183 12.09 -14.47 14.12
N GLY B 184 12.15 -15.75 13.85
CA GLY B 184 13.10 -16.67 14.63
C GLY B 184 14.48 -16.45 14.08
N VAL B 185 14.64 -16.79 12.80
CA VAL B 185 15.82 -16.48 12.01
C VAL B 185 15.51 -15.55 10.86
N ALA B 186 16.28 -14.46 10.74
CA ALA B 186 16.16 -13.60 9.52
C ALA B 186 17.51 -13.56 8.85
N GLY B 187 17.50 -13.83 7.55
CA GLY B 187 18.62 -13.63 6.65
C GLY B 187 18.40 -12.40 5.80
N ILE B 188 19.26 -11.39 5.95
CA ILE B 188 19.13 -10.12 5.31
C ILE B 188 20.36 -9.71 4.49
N ALA B 189 20.11 -9.47 3.23
CA ALA B 189 21.06 -8.82 2.34
C ALA B 189 20.64 -7.42 1.91
N GLU B 190 21.45 -6.41 2.21
CA GLU B 190 21.15 -5.05 1.88
C GLU B 190 22.37 -4.13 1.68
N ASN B 191 23.46 -4.72 1.19
CA ASN B 191 24.68 -4.00 0.82
C ASN B 191 24.91 -3.91 -0.70
N GLY B 192 24.02 -4.49 -1.50
CA GLY B 192 24.12 -4.44 -2.91
C GLY B 192 25.10 -5.50 -3.39
N ALA B 193 25.22 -6.58 -2.62
CA ALA B 193 26.16 -7.67 -2.88
C ALA B 193 25.49 -9.02 -2.58
N THR B 194 25.99 -10.08 -3.20
CA THR B 194 25.64 -11.43 -2.85
C THR B 194 25.91 -11.75 -1.37
N MET B 195 24.95 -12.43 -0.77
CA MET B 195 25.14 -13.11 0.50
C MET B 195 25.04 -14.59 0.24
N SER B 196 26.13 -15.33 0.58
CA SER B 196 26.32 -16.70 0.10
C SER B 196 26.69 -17.64 1.18
N ASN B 197 26.43 -18.91 0.90
CA ASN B 197 26.96 -20.00 1.66
C ASN B 197 26.54 -19.98 3.06
N VAL B 198 25.21 -19.83 3.24
CA VAL B 198 24.59 -19.83 4.57
C VAL B 198 23.84 -21.15 4.71
N THR B 199 24.16 -21.88 5.75
CA THR B 199 23.51 -23.13 6.11
C THR B 199 22.89 -23.07 7.41
N LEU B 200 21.58 -23.37 7.43
CA LEU B 200 20.88 -23.61 8.68
C LEU B 200 20.51 -25.09 8.83
N ASP B 201 20.94 -25.68 9.93
CA ASP B 201 20.91 -27.13 10.06
C ASP B 201 20.41 -27.55 11.37
N ASN B 202 19.33 -28.32 11.38
CA ASN B 202 18.82 -28.89 12.59
C ASN B 202 18.46 -27.89 13.64
N LEU B 203 17.73 -26.84 13.22
CA LEU B 203 17.18 -25.90 14.20
C LEU B 203 15.75 -26.27 14.58
N TYR B 204 15.35 -25.94 15.77
CA TYR B 204 13.98 -26.06 16.22
C TYR B 204 13.53 -24.58 16.57
N ILE B 205 12.75 -24.02 15.66
CA ILE B 205 12.27 -22.64 15.76
C ILE B 205 10.75 -22.75 16.06
N HIS B 206 10.30 -22.15 17.17
CA HIS B 206 8.91 -22.28 17.51
C HIS B 206 8.49 -21.05 18.35
N ASP B 207 7.19 -20.88 18.49
CA ASP B 207 6.60 -19.79 19.28
C ASP B 207 7.29 -18.49 18.89
N VAL B 208 7.13 -18.17 17.59
CA VAL B 208 7.52 -16.85 17.04
C VAL B 208 6.19 -16.09 16.80
N ASP B 209 5.87 -15.19 17.72
CA ASP B 209 4.50 -14.64 17.75
C ASP B 209 4.55 -13.33 17.00
N GLY B 210 4.82 -13.44 15.69
CA GLY B 210 4.81 -12.29 14.81
C GLY B 210 3.44 -11.69 14.54
N ASN B 211 3.43 -10.81 13.57
CA ASN B 211 2.22 -10.15 13.04
C ASN B 211 1.40 -11.14 12.23
N ILE B 212 0.08 -11.20 12.47
CA ILE B 212 -0.73 -12.15 11.77
C ILE B 212 -0.78 -11.96 10.22
N TYR B 213 -0.70 -10.69 9.80
CA TYR B 213 -1.00 -10.25 8.45
C TYR B 213 0.21 -10.21 7.47
N ASN B 214 1.32 -9.68 7.99
CA ASN B 214 2.36 -9.12 7.11
C ASN B 214 3.14 -10.19 6.42
N LYS B 215 3.10 -10.15 5.07
CA LYS B 215 3.66 -11.17 4.24
C LYS B 215 5.12 -11.00 3.87
N HIS B 216 5.63 -9.76 3.99
CA HIS B 216 6.99 -9.51 3.48
C HIS B 216 7.92 -8.74 4.38
N MET B 217 7.50 -8.49 5.62
CA MET B 217 8.42 -8.16 6.68
C MET B 217 9.02 -9.48 7.09
N ALA B 218 10.16 -9.42 7.81
CA ALA B 218 10.83 -10.62 8.34
C ALA B 218 10.02 -11.15 9.51
N ASN B 219 8.91 -11.81 9.15
CA ASN B 219 7.82 -12.12 10.02
C ASN B 219 7.39 -13.55 9.86
N GLY B 220 7.91 -14.39 10.77
CA GLY B 220 7.67 -15.81 10.71
C GLY B 220 8.85 -16.62 11.28
N GLY B 221 8.91 -17.88 10.92
CA GLY B 221 9.90 -18.75 11.48
C GLY B 221 11.30 -18.40 10.98
N ILE B 222 11.44 -18.53 9.65
CA ILE B 222 12.64 -18.19 8.93
C ILE B 222 12.27 -17.37 7.73
N TYR B 223 12.96 -16.27 7.56
CA TYR B 223 12.73 -15.39 6.39
C TYR B 223 14.04 -14.83 5.90
N PHE B 224 14.35 -15.10 4.62
CA PHE B 224 15.44 -14.47 3.90
C PHE B 224 14.93 -13.49 2.86
N MET B 225 15.38 -12.25 2.96
CA MET B 225 15.00 -11.27 1.98
C MET B 225 16.16 -10.31 1.67
N ALA B 226 16.01 -9.61 0.57
CA ALA B 226 17.00 -8.60 0.05
C ALA B 226 16.42 -7.20 -0.15
N HIS B 227 17.17 -6.16 0.25
CA HIS B 227 16.74 -4.77 0.16
C HIS B 227 17.68 -4.02 -0.74
N TYR B 228 17.26 -2.89 -1.33
CA TYR B 228 18.20 -1.97 -1.88
C TYR B 228 19.03 -1.36 -0.75
N PRO B 229 20.35 -1.17 -0.95
CA PRO B 229 21.14 -0.41 0.07
C PRO B 229 20.77 1.05 0.17
N MET B 230 20.26 1.63 -0.91
CA MET B 230 19.65 2.94 -0.85
C MET B 230 18.41 3.06 -1.78
N GLU B 231 17.58 4.05 -1.48
CA GLU B 231 16.39 4.33 -2.28
C GLU B 231 16.86 4.65 -3.71
N ASN B 232 16.03 4.30 -4.68
CA ASN B 232 16.29 4.67 -6.07
C ASN B 232 15.75 6.07 -6.32
N THR B 233 16.58 7.06 -6.12
CA THR B 233 16.20 8.46 -6.18
C THR B 233 16.54 9.22 -7.49
N SER B 234 17.27 8.55 -8.40
CA SER B 234 17.83 9.24 -9.58
C SER B 234 18.21 8.24 -10.63
N ALA B 235 18.44 8.71 -11.85
CA ALA B 235 19.17 7.89 -12.89
C ALA B 235 20.46 7.22 -12.39
N GLU B 236 21.21 8.00 -11.62
CA GLU B 236 22.49 7.60 -11.11
C GLU B 236 22.35 6.39 -10.14
N THR B 237 21.40 6.48 -9.19
CA THR B 237 21.17 5.31 -8.33
C THR B 237 20.62 4.13 -9.14
N ASP B 238 19.79 4.42 -10.13
CA ASP B 238 19.22 3.35 -10.94
C ASP B 238 20.31 2.62 -11.69
N VAL B 239 21.23 3.39 -12.27
CA VAL B 239 22.42 2.74 -12.89
C VAL B 239 23.15 1.80 -11.96
N TRP B 240 23.43 2.27 -10.74
CA TRP B 240 24.16 1.55 -9.73
C TRP B 240 23.39 0.30 -9.29
N LEU B 241 22.11 0.48 -9.00
CA LEU B 241 21.28 -0.68 -8.51
C LEU B 241 21.12 -1.80 -9.54
N ARG B 242 20.97 -1.45 -10.84
CA ARG B 242 20.88 -2.45 -11.87
C ARG B 242 22.09 -3.38 -11.89
N GLU B 243 23.21 -2.92 -11.34
CA GLU B 243 24.45 -3.74 -11.35
C GLU B 243 24.93 -4.22 -9.99
N HIS B 244 24.53 -3.56 -8.89
CA HIS B 244 24.96 -4.03 -7.56
C HIS B 244 23.77 -4.57 -6.81
N VAL B 245 23.63 -5.88 -6.88
CA VAL B 245 22.42 -6.63 -6.42
C VAL B 245 22.60 -7.34 -5.06
N SER B 246 21.82 -6.90 -4.04
CA SER B 246 21.59 -7.71 -2.86
C SER B 246 20.80 -8.98 -3.22
N ARG B 247 21.31 -10.14 -2.91
CA ARG B 247 20.72 -11.37 -3.38
C ARG B 247 21.42 -12.51 -2.65
N PHE B 248 20.84 -13.68 -2.72
CA PHE B 248 21.37 -14.86 -2.05
C PHE B 248 21.96 -15.87 -3.03
N ASP B 249 22.95 -16.62 -2.55
CA ASP B 249 23.54 -17.79 -3.29
C ASP B 249 23.93 -18.83 -2.32
N HIS B 250 23.63 -20.10 -2.62
CA HIS B 250 24.02 -21.23 -1.75
C HIS B 250 23.50 -21.09 -0.37
N VAL B 251 22.15 -20.92 -0.28
CA VAL B 251 21.46 -20.98 1.03
C VAL B 251 20.82 -22.33 1.13
N THR B 252 21.13 -23.00 2.21
CA THR B 252 20.58 -24.31 2.55
C THR B 252 19.92 -24.28 3.91
N ILE B 253 18.66 -24.64 3.95
CA ILE B 253 17.94 -24.81 5.19
C ILE B 253 17.49 -26.28 5.19
N ARG B 254 17.93 -27.00 6.20
CA ARG B 254 17.73 -28.39 6.29
C ARG B 254 17.56 -28.91 7.65
N ASN B 255 16.85 -30.05 7.75
CA ASN B 255 16.65 -30.75 8.99
C ASN B 255 16.05 -29.97 10.17
N SER B 256 15.28 -28.94 9.85
CA SER B 256 14.79 -28.04 10.84
C SER B 256 13.26 -28.16 11.01
N THR B 257 12.81 -27.80 12.20
CA THR B 257 11.39 -27.83 12.57
C THR B 257 11.02 -26.39 12.85
N VAL B 258 9.88 -25.96 12.29
CA VAL B 258 9.34 -24.61 12.51
C VAL B 258 7.90 -24.87 12.90
N LYS B 259 7.53 -24.44 14.10
CA LYS B 259 6.20 -24.78 14.62
C LYS B 259 5.65 -23.61 15.38
N ASP B 260 4.35 -23.30 15.18
CA ASP B 260 3.66 -22.29 15.98
C ASP B 260 4.30 -20.92 15.81
N VAL B 261 4.28 -20.45 14.55
CA VAL B 261 4.82 -19.17 14.20
C VAL B 261 3.81 -18.33 13.42
N ASP B 262 3.94 -17.01 13.51
CA ASP B 262 3.22 -16.05 12.65
C ASP B 262 4.19 -15.10 11.99
N ARG B 263 4.02 -14.83 10.69
CA ARG B 263 3.07 -15.46 9.78
C ARG B 263 3.64 -16.62 8.98
N TRP B 264 4.73 -16.41 8.23
CA TRP B 264 5.28 -17.41 7.29
C TRP B 264 6.02 -18.52 8.07
N GLY B 265 5.94 -19.76 7.59
CA GLY B 265 6.83 -20.77 8.12
C GLY B 265 8.31 -20.55 7.76
N ILE B 266 8.61 -20.78 6.50
CA ILE B 266 9.90 -20.58 5.90
C ILE B 266 9.71 -19.91 4.58
N ALA B 267 10.27 -18.71 4.46
CA ALA B 267 10.26 -17.96 3.21
C ALA B 267 11.65 -17.51 2.81
N VAL B 268 12.01 -17.66 1.54
CA VAL B 268 13.36 -17.23 1.06
C VAL B 268 13.24 -16.54 -0.29
N GLY B 269 13.71 -15.30 -0.35
CA GLY B 269 14.05 -14.66 -1.63
C GLY B 269 13.37 -13.40 -1.99
N TYR B 270 12.36 -12.98 -1.20
CA TYR B 270 11.71 -11.71 -1.55
C TYR B 270 12.73 -10.59 -1.66
N THR B 271 12.53 -9.71 -2.62
CA THR B 271 13.58 -8.76 -2.94
C THR B 271 13.10 -7.46 -3.52
N ALA B 272 13.71 -6.38 -3.07
CA ALA B 272 13.55 -5.06 -3.63
C ALA B 272 13.84 -5.07 -5.14
N TYR B 273 14.68 -6.00 -5.57
CA TYR B 273 15.10 -6.06 -7.02
C TYR B 273 13.98 -6.69 -7.87
N LEU B 274 12.82 -6.97 -7.27
CA LEU B 274 11.69 -7.30 -8.06
C LEU B 274 11.28 -6.11 -8.94
N ASN B 275 11.67 -4.91 -8.56
CA ASN B 275 11.45 -3.74 -9.41
C ASN B 275 12.09 -3.93 -10.77
N TYR B 276 13.14 -4.74 -10.85
CA TYR B 276 13.74 -5.08 -12.12
C TYR B 276 13.20 -6.45 -12.60
N ILE B 277 13.05 -7.47 -11.74
CA ILE B 277 12.61 -8.78 -12.20
C ILE B 277 11.18 -8.75 -12.83
N ASP B 278 10.31 -7.86 -12.30
CA ASP B 278 8.88 -7.80 -12.63
C ASP B 278 8.51 -6.56 -13.45
N ALA B 279 9.50 -5.91 -14.09
CA ALA B 279 9.24 -4.68 -14.89
C ALA B 279 8.37 -4.99 -16.13
N ASN B 280 8.57 -6.17 -16.67
CA ASN B 280 7.96 -6.64 -17.94
C ASN B 280 7.51 -8.10 -17.77
N TYR B 281 6.28 -8.27 -17.33
CA TYR B 281 5.70 -9.64 -17.21
C TYR B 281 5.60 -10.40 -18.53
N GLY B 282 5.40 -9.64 -19.60
CA GLY B 282 5.33 -10.20 -20.94
C GLY B 282 4.24 -11.24 -20.98
N ASP B 283 4.68 -12.46 -21.31
CA ASP B 283 3.79 -13.61 -21.40
C ASP B 283 3.97 -14.56 -20.23
N GLY B 284 4.53 -14.07 -19.14
CA GLY B 284 4.81 -14.93 -18.00
C GLY B 284 6.16 -15.63 -17.98
N SER B 285 6.80 -15.81 -19.12
CA SER B 285 8.12 -16.53 -19.10
C SER B 285 9.16 -15.64 -18.43
N ILE B 286 10.16 -16.23 -17.81
CA ILE B 286 11.17 -15.49 -17.04
C ILE B 286 12.53 -15.79 -17.64
N ASP B 287 13.18 -14.73 -18.09
CA ASP B 287 14.46 -14.88 -18.76
C ASP B 287 15.54 -15.42 -17.77
N ASP B 288 16.31 -16.41 -18.22
CA ASP B 288 17.38 -16.93 -17.42
C ASP B 288 18.40 -15.90 -16.87
N ALA B 289 18.94 -15.03 -17.72
CA ALA B 289 19.93 -14.04 -17.26
C ALA B 289 19.32 -13.08 -16.23
N LEU B 290 18.04 -12.76 -16.39
CA LEU B 290 17.39 -11.85 -15.45
C LEU B 290 17.28 -12.46 -14.06
N ILE B 291 16.78 -13.69 -13.97
CA ILE B 291 16.55 -14.32 -12.67
C ILE B 291 17.86 -14.67 -11.98
N ALA B 292 18.90 -15.04 -12.75
CA ALA B 292 20.20 -15.29 -12.16
C ALA B 292 20.87 -14.00 -11.66
N LYS B 293 20.66 -12.90 -12.37
CA LYS B 293 21.27 -11.66 -11.99
C LYS B 293 20.65 -11.06 -10.73
N TYR B 294 19.32 -10.95 -10.77
CA TYR B 294 18.53 -10.25 -9.73
C TYR B 294 17.92 -11.10 -8.61
N GLY B 295 17.73 -12.38 -8.90
CA GLY B 295 17.16 -13.37 -8.03
C GLY B 295 18.21 -14.19 -7.33
N SER B 296 17.76 -15.15 -6.58
CA SER B 296 18.60 -16.03 -5.74
C SER B 296 18.90 -17.40 -6.28
N THR B 297 20.19 -17.80 -6.21
CA THR B 297 20.67 -18.96 -6.85
C THR B 297 21.06 -20.02 -5.85
N ASN B 298 21.00 -21.28 -6.27
CA ASN B 298 21.46 -22.40 -5.45
C ASN B 298 20.82 -22.44 -4.03
N VAL B 299 19.50 -22.22 -3.98
CA VAL B 299 18.76 -22.31 -2.70
C VAL B 299 18.26 -23.76 -2.59
N ARG B 300 18.43 -24.34 -1.41
CA ARG B 300 18.02 -25.69 -1.16
C ARG B 300 17.26 -25.68 0.13
N ILE B 301 15.98 -26.11 0.07
CA ILE B 301 15.13 -26.32 1.26
C ILE B 301 14.82 -27.81 1.42
N GLU B 302 15.42 -28.46 2.40
CA GLU B 302 15.32 -29.91 2.51
C GLU B 302 15.18 -30.49 3.89
N ASN B 303 14.34 -31.53 4.00
CA ASN B 303 14.18 -32.32 5.18
C ASN B 303 13.68 -31.50 6.39
N ASN B 304 12.83 -30.50 6.13
CA ASN B 304 12.31 -29.70 7.23
C ASN B 304 10.86 -30.11 7.52
N TYR B 305 10.40 -29.74 8.71
CA TYR B 305 9.01 -29.91 9.09
C TYR B 305 8.49 -28.54 9.51
N VAL B 306 7.38 -28.17 8.89
CA VAL B 306 6.69 -26.93 9.27
C VAL B 306 5.25 -27.29 9.66
N LYS B 307 4.88 -26.87 10.86
CA LYS B 307 3.56 -27.22 11.42
C LYS B 307 2.99 -25.99 12.08
N GLY B 308 1.75 -25.67 11.77
CA GLY B 308 1.10 -24.62 12.53
C GLY B 308 1.64 -23.24 12.31
N ALA B 309 2.21 -22.97 11.11
CA ALA B 309 2.37 -21.60 10.67
C ALA B 309 1.03 -20.89 10.61
N GLY B 310 1.04 -19.62 10.95
CA GLY B 310 -0.18 -18.83 10.78
C GLY B 310 -0.69 -18.70 9.38
N GLY B 311 0.29 -18.62 8.45
CA GLY B 311 0.03 -18.54 7.05
C GLY B 311 0.67 -19.72 6.29
N ASP B 312 1.40 -19.37 5.26
CA ASP B 312 2.00 -20.36 4.33
C ASP B 312 3.11 -21.18 4.99
N ALA B 313 3.32 -22.41 4.50
CA ALA B 313 4.34 -23.28 5.11
C ALA B 313 5.75 -22.92 4.61
N ILE B 314 5.95 -23.01 3.30
CA ILE B 314 7.31 -22.89 2.69
C ILE B 314 7.13 -22.28 1.32
N THR B 315 7.73 -21.12 1.10
CA THR B 315 7.59 -20.41 -0.15
C THR B 315 8.99 -19.96 -0.64
N LEU B 316 9.25 -20.17 -1.94
CA LEU B 316 10.50 -19.70 -2.60
C LEU B 316 10.14 -18.55 -3.48
N MET B 317 10.83 -17.42 -3.34
CA MET B 317 10.49 -16.18 -4.02
C MET B 317 11.68 -15.70 -4.83
N TYR B 318 11.43 -15.37 -6.09
CA TYR B 318 12.49 -14.78 -6.97
C TYR B 318 13.79 -15.62 -6.94
N CYS B 319 13.64 -16.94 -7.00
CA CYS B 319 14.71 -17.92 -6.98
C CYS B 319 14.91 -18.51 -8.39
N ASP B 320 16.18 -18.64 -8.78
CA ASP B 320 16.62 -19.38 -9.96
C ASP B 320 16.92 -20.81 -9.59
N ARG B 321 16.05 -21.68 -10.05
CA ARG B 321 16.21 -23.09 -9.89
C ARG B 321 16.46 -23.55 -8.49
N PRO B 322 15.57 -23.10 -7.54
CA PRO B 322 15.66 -23.75 -6.29
C PRO B 322 15.31 -25.23 -6.30
N VAL B 323 15.80 -25.93 -5.29
CA VAL B 323 15.39 -27.28 -4.96
C VAL B 323 14.68 -27.34 -3.61
N ILE B 324 13.43 -27.81 -3.66
CA ILE B 324 12.60 -28.01 -2.40
C ILE B 324 12.18 -29.48 -2.30
N GLU B 325 12.79 -30.21 -1.40
CA GLU B 325 12.73 -31.63 -1.34
C GLU B 325 12.76 -32.23 0.05
N HIS B 326 11.99 -33.33 0.22
CA HIS B 326 11.93 -34.13 1.40
C HIS B 326 11.38 -33.33 2.62
N ASN B 327 10.58 -32.28 2.34
CA ASN B 327 10.00 -31.55 3.48
C ASN B 327 8.61 -32.10 3.78
N VAL B 328 8.12 -31.77 4.96
CA VAL B 328 6.75 -32.10 5.38
C VAL B 328 6.14 -30.78 5.91
N GLY B 329 5.03 -30.37 5.33
CA GLY B 329 4.18 -29.27 5.87
C GLY B 329 2.88 -29.81 6.43
N ASP B 330 2.34 -29.13 7.44
CA ASP B 330 1.29 -29.77 8.19
C ASP B 330 0.53 -28.63 8.91
N SER B 331 -0.76 -28.53 8.60
CA SER B 331 -1.70 -27.83 9.44
C SER B 331 -1.21 -26.38 9.55
N VAL B 332 -0.95 -25.75 8.38
CA VAL B 332 -0.73 -24.36 8.30
C VAL B 332 -2.00 -23.57 7.94
N SER B 333 -1.87 -22.26 7.71
CA SER B 333 -2.99 -21.38 7.52
C SER B 333 -3.81 -21.31 8.81
N LYS B 334 -3.17 -21.52 9.96
CA LYS B 334 -3.87 -21.51 11.24
C LYS B 334 -4.64 -20.22 11.46
N HIS B 335 -4.07 -19.09 11.06
CA HIS B 335 -4.68 -17.81 11.30
C HIS B 335 -5.32 -17.12 10.10
N ILE B 336 -5.47 -17.88 9.01
CA ILE B 336 -6.09 -17.37 7.77
C ILE B 336 -7.55 -17.70 7.81
N ASN B 337 -8.25 -16.92 8.66
CA ASN B 337 -9.66 -17.18 8.88
C ASN B 337 -10.33 -15.90 9.34
N THR B 338 -11.68 -15.89 9.22
CA THR B 338 -12.47 -14.71 9.66
C THR B 338 -12.42 -14.37 11.08
N GLN B 339 -12.10 -15.31 11.98
CA GLN B 339 -11.99 -14.99 13.41
C GLN B 339 -10.73 -14.31 13.81
N ASP B 340 -9.64 -14.70 13.12
CA ASP B 340 -8.27 -14.34 13.53
C ASP B 340 -7.67 -13.24 12.66
N TYR B 341 -8.06 -13.19 11.39
CA TYR B 341 -7.54 -12.26 10.39
C TYR B 341 -8.50 -11.13 10.25
N THR B 342 -8.60 -10.31 11.30
CA THR B 342 -9.69 -9.37 11.39
C THR B 342 -9.33 -8.00 10.90
N GLN B 343 -8.02 -7.67 10.80
CA GLN B 343 -7.59 -6.32 10.38
C GLN B 343 -6.66 -6.39 9.14
N PRO B 344 -7.21 -6.85 8.00
CA PRO B 344 -6.41 -6.96 6.78
C PRO B 344 -5.96 -5.61 6.17
N GLY B 345 -6.62 -4.54 6.55
CA GLY B 345 -6.27 -3.23 6.04
C GLY B 345 -6.51 -3.22 4.55
N SER B 346 -5.68 -2.52 3.82
CA SER B 346 -5.73 -2.52 2.34
C SER B 346 -4.87 -3.58 1.68
N TYR B 347 -4.09 -4.31 2.49
CA TYR B 347 -3.17 -5.30 1.95
C TYR B 347 -3.83 -6.62 1.63
N GLY B 348 -5.02 -6.90 2.25
CA GLY B 348 -5.67 -8.17 2.02
C GLY B 348 -4.87 -9.34 2.65
N GLY B 349 -4.58 -10.36 1.84
CA GLY B 349 -3.74 -11.50 2.20
C GLY B 349 -4.36 -12.62 3.04
N ARG B 350 -5.69 -12.68 3.11
CA ARG B 350 -6.40 -13.71 3.87
C ARG B 350 -6.49 -14.95 2.99
N VAL B 351 -5.29 -15.39 2.57
CA VAL B 351 -5.09 -16.51 1.68
C VAL B 351 -3.73 -17.17 2.00
N ALA B 352 -3.66 -18.52 1.97
CA ALA B 352 -2.38 -19.22 2.08
C ALA B 352 -2.42 -20.56 1.47
N ALA B 353 -1.28 -20.96 0.84
CA ALA B 353 -1.08 -22.31 0.37
C ALA B 353 0.04 -23.03 1.14
N GLY B 354 0.40 -24.27 0.78
CA GLY B 354 1.38 -25.02 1.58
C GLY B 354 2.84 -24.73 1.20
N ILE B 355 3.30 -25.31 0.12
CA ILE B 355 4.71 -25.37 -0.21
C ILE B 355 4.81 -25.00 -1.72
N TRP B 356 5.40 -23.87 -2.03
CA TRP B 356 5.24 -23.33 -3.36
C TRP B 356 6.16 -22.21 -3.76
N PRO B 357 6.21 -21.88 -5.05
CA PRO B 357 6.97 -20.76 -5.61
C PRO B 357 6.24 -19.51 -6.12
N TRP B 358 6.93 -18.39 -5.95
CA TRP B 358 6.55 -17.09 -6.43
C TRP B 358 7.64 -16.49 -7.32
N ARG B 359 7.29 -16.29 -8.57
CA ARG B 359 8.17 -15.66 -9.58
C ARG B 359 9.56 -16.29 -9.56
N CYS B 360 9.59 -17.62 -9.53
CA CYS B 360 10.79 -18.36 -9.66
C CYS B 360 10.90 -18.89 -11.07
N LYS B 361 12.09 -19.39 -11.39
CA LYS B 361 12.31 -19.98 -12.75
C LYS B 361 12.74 -21.40 -12.59
N ASP B 362 11.96 -22.31 -13.14
CA ASP B 362 12.22 -23.76 -13.02
C ASP B 362 12.54 -24.32 -11.64
N PRO B 363 11.73 -23.96 -10.61
CA PRO B 363 11.94 -24.58 -9.35
C PRO B 363 11.50 -26.06 -9.35
N VAL B 364 12.14 -26.88 -8.56
CA VAL B 364 11.77 -28.24 -8.36
C VAL B 364 11.32 -28.58 -6.94
N PHE B 365 10.07 -29.00 -6.88
CA PHE B 365 9.47 -29.42 -5.63
C PHE B 365 9.27 -30.92 -5.79
N GLN B 366 10.02 -31.73 -5.05
CA GLN B 366 9.90 -33.14 -5.14
C GLN B 366 10.08 -33.83 -3.82
N TYR B 367 9.43 -35.00 -3.67
CA TYR B 367 9.49 -35.83 -2.48
C TYR B 367 8.99 -35.15 -1.19
N ASN B 368 8.09 -34.22 -1.33
CA ASN B 368 7.53 -33.55 -0.11
C ASN B 368 6.18 -34.19 0.25
N GLU B 369 5.76 -33.96 1.52
CA GLU B 369 4.41 -34.30 2.00
C GLU B 369 3.77 -33.00 2.49
N MET B 370 2.49 -32.82 2.23
CA MET B 370 1.76 -31.65 2.78
C MET B 370 0.36 -32.08 3.26
N TYR B 371 0.09 -31.84 4.53
CA TYR B 371 -1.10 -32.30 5.22
C TYR B 371 -1.94 -31.12 5.67
N ASN B 372 -3.22 -31.20 5.43
CA ASN B 372 -4.19 -30.44 6.27
C ASN B 372 -4.05 -28.94 6.28
N ASN B 373 -3.84 -28.35 5.08
CA ASN B 373 -3.77 -26.93 5.03
C ASN B 373 -5.17 -26.42 5.45
N LEU B 374 -5.19 -25.51 6.41
CA LEU B 374 -6.45 -25.19 7.13
C LEU B 374 -7.23 -24.05 6.56
N ASN B 375 -8.51 -24.07 6.97
CA ASN B 375 -9.39 -22.97 6.97
C ASN B 375 -10.03 -22.50 5.67
N ALA B 376 -9.97 -23.26 4.62
CA ALA B 376 -10.75 -22.93 3.43
C ALA B 376 -12.27 -22.76 3.73
N GLU B 377 -12.74 -23.41 4.79
CA GLU B 377 -14.18 -23.35 5.22
C GLU B 377 -14.50 -22.08 5.97
N HIS B 378 -13.46 -21.40 6.39
CA HIS B 378 -13.52 -20.27 7.31
C HIS B 378 -12.76 -19.02 6.91
N GLY B 379 -12.61 -18.76 5.60
CA GLY B 379 -12.11 -17.48 5.17
C GLY B 379 -10.79 -17.48 4.36
N ASN B 380 -10.15 -18.63 4.35
CA ASN B 380 -8.91 -18.79 3.56
C ASN B 380 -9.36 -18.97 2.13
N GLY B 381 -9.07 -17.93 1.34
CA GLY B 381 -9.42 -17.91 -0.09
C GLY B 381 -8.62 -18.85 -0.94
N ASP B 382 -7.63 -19.49 -0.35
CA ASP B 382 -6.87 -20.61 -0.97
C ASP B 382 -6.96 -21.84 -0.16
N GLY B 383 -5.85 -22.41 0.34
CA GLY B 383 -5.86 -23.65 1.12
C GLY B 383 -5.37 -24.92 0.48
N GLN B 384 -4.66 -24.77 -0.64
CA GLN B 384 -4.17 -25.93 -1.39
C GLN B 384 -2.85 -26.38 -0.82
N ALA B 385 -2.49 -27.60 -1.08
CA ALA B 385 -1.16 -28.08 -0.74
C ALA B 385 -0.02 -27.39 -1.51
N TRP B 386 -0.28 -27.19 -2.79
CA TRP B 386 0.75 -26.78 -3.82
C TRP B 386 0.14 -25.65 -4.60
N ASP B 387 0.98 -24.69 -5.04
CA ASP B 387 0.51 -23.47 -5.74
C ASP B 387 1.58 -23.10 -6.78
N ALA B 388 1.36 -23.48 -8.02
CA ALA B 388 2.20 -22.92 -9.13
C ALA B 388 1.71 -21.55 -9.42
N ASP B 389 2.30 -20.57 -8.72
CA ASP B 389 1.79 -19.23 -8.75
C ASP B 389 2.48 -18.50 -9.87
N TYR B 390 2.31 -17.18 -9.95
CA TYR B 390 3.00 -16.39 -11.00
C TYR B 390 4.42 -16.92 -11.08
N GLY B 391 4.86 -17.31 -12.27
CA GLY B 391 6.18 -17.87 -12.43
C GLY B 391 6.19 -18.80 -13.62
N ASP B 392 7.37 -19.32 -13.87
CA ASP B 392 7.71 -20.01 -15.17
C ASP B 392 8.44 -21.30 -14.86
N GLY B 393 7.87 -22.46 -15.24
CA GLY B 393 8.57 -23.74 -15.11
C GLY B 393 8.48 -24.55 -13.89
N THR B 394 7.51 -24.24 -13.04
CA THR B 394 7.48 -25.00 -11.82
C THR B 394 7.34 -26.49 -12.10
N LEU B 395 8.17 -27.28 -11.45
CA LEU B 395 8.07 -28.71 -11.51
C LEU B 395 7.71 -29.27 -10.12
N TYR B 396 6.49 -29.82 -10.01
CA TYR B 396 6.11 -30.60 -8.88
C TYR B 396 6.14 -32.07 -9.21
N GLN B 397 6.98 -32.84 -8.55
CA GLN B 397 6.98 -34.28 -8.76
C GLN B 397 7.24 -35.10 -7.57
N TYR B 398 6.59 -36.26 -7.50
CA TYR B 398 6.83 -37.25 -6.45
C TYR B 398 6.37 -36.74 -5.02
N ASN B 399 5.41 -35.82 -5.01
CA ASN B 399 4.88 -35.27 -3.73
C ASN B 399 3.56 -35.98 -3.35
N TYR B 400 3.33 -36.01 -2.04
CA TYR B 400 2.07 -36.54 -1.48
C TYR B 400 1.31 -35.42 -0.76
N SER B 401 0.01 -35.31 -0.97
CA SER B 401 -0.84 -34.29 -0.28
C SER B 401 -2.04 -35.04 0.26
N TYR B 402 -2.43 -34.70 1.50
CA TYR B 402 -3.56 -35.35 2.12
C TYR B 402 -4.34 -34.30 2.90
N GLY B 403 -5.67 -34.32 2.74
CA GLY B 403 -6.52 -33.65 3.74
C GLY B 403 -6.47 -32.14 3.68
N ASN B 404 -6.00 -31.54 2.57
CA ASN B 404 -5.94 -30.12 2.48
C ASN B 404 -7.33 -29.52 2.28
N SER B 405 -7.57 -28.37 2.87
CA SER B 405 -8.98 -27.92 2.95
C SER B 405 -9.54 -27.40 1.57
N PHE B 406 -8.64 -27.01 0.63
CA PHE B 406 -9.05 -26.61 -0.73
C PHE B 406 -7.99 -27.04 -1.76
N ALA B 407 -8.16 -28.26 -2.28
CA ALA B 407 -7.38 -28.78 -3.42
C ALA B 407 -5.99 -29.25 -3.14
N SER B 408 -5.48 -30.03 -4.10
CA SER B 408 -4.06 -30.42 -4.08
C SER B 408 -3.20 -29.30 -4.71
N LEU B 409 -3.52 -28.90 -5.94
CA LEU B 409 -2.76 -27.93 -6.74
C LEU B 409 -3.58 -26.78 -7.29
N MET B 410 -3.13 -25.55 -7.04
CA MET B 410 -3.49 -24.37 -7.75
C MET B 410 -2.40 -24.07 -8.79
N ILE B 411 -2.86 -23.62 -9.97
CA ILE B 411 -2.06 -22.89 -10.95
C ILE B 411 -2.71 -21.54 -11.02
N CYS B 412 -1.98 -20.51 -10.57
CA CYS B 412 -2.64 -19.23 -10.27
C CYS B 412 -2.52 -18.10 -11.27
N ASN B 413 -3.60 -17.84 -12.02
CA ASN B 413 -3.82 -16.58 -12.74
C ASN B 413 -2.85 -16.41 -13.93
N TRP B 414 -2.96 -15.30 -14.64
CA TRP B 414 -2.45 -15.18 -16.05
C TRP B 414 -0.97 -15.42 -16.17
N TYR B 415 -0.18 -15.03 -15.15
CA TYR B 415 1.25 -15.13 -15.30
C TYR B 415 1.81 -16.39 -14.68
N ALA B 416 0.97 -17.35 -14.34
CA ALA B 416 1.44 -18.67 -13.94
C ALA B 416 1.48 -19.46 -15.20
N VAL B 417 2.70 -19.83 -15.63
CA VAL B 417 2.91 -20.55 -16.86
C VAL B 417 3.87 -21.73 -16.78
N ASN B 418 3.67 -22.67 -17.70
CA ASN B 418 4.69 -23.73 -18.00
C ASN B 418 4.94 -24.64 -16.82
N THR B 419 3.87 -25.05 -16.15
CA THR B 419 3.97 -25.91 -15.03
C THR B 419 3.96 -27.35 -15.44
N THR B 420 4.76 -28.14 -14.77
CA THR B 420 4.58 -29.58 -14.81
C THR B 420 4.23 -30.16 -13.43
N PHE B 421 3.17 -30.95 -13.38
CA PHE B 421 2.74 -31.64 -12.12
C PHE B 421 2.70 -33.10 -12.47
N ARG B 422 3.66 -33.88 -12.01
CA ARG B 422 3.69 -35.29 -12.44
C ARG B 422 4.07 -36.21 -11.38
N TYR B 423 3.58 -37.46 -11.42
CA TYR B 423 4.02 -38.51 -10.47
C TYR B 423 3.73 -38.17 -8.95
N ASN B 424 2.65 -37.44 -8.74
CA ASN B 424 2.24 -37.02 -7.34
C ASN B 424 1.01 -37.83 -6.98
N ILE B 425 0.78 -37.94 -5.67
CA ILE B 425 -0.41 -38.62 -5.15
C ILE B 425 -1.15 -37.60 -4.26
N SER B 426 -2.45 -37.51 -4.47
CA SER B 426 -3.38 -36.65 -3.68
C SER B 426 -4.43 -37.58 -3.12
N GLN B 427 -4.60 -37.56 -1.78
CA GLN B 427 -5.52 -38.43 -1.10
C GLN B 427 -6.39 -37.58 -0.20
N ASN B 428 -7.71 -37.60 -0.40
CA ASN B 428 -8.67 -36.83 0.48
C ASN B 428 -8.48 -35.32 0.54
N ASP B 429 -7.96 -34.70 -0.55
CA ASP B 429 -7.95 -33.25 -0.66
C ASP B 429 -9.34 -32.78 -1.03
N ARG B 430 -9.77 -31.69 -0.44
CA ARG B 430 -11.19 -31.31 -0.47
C ARG B 430 -11.55 -30.14 -1.43
N GLN B 431 -12.80 -30.15 -1.91
CA GLN B 431 -13.39 -29.12 -2.71
C GLN B 431 -12.81 -29.03 -4.14
N GLY B 432 -12.18 -30.10 -4.56
CA GLY B 432 -11.50 -30.14 -5.87
C GLY B 432 -10.13 -30.81 -5.62
N VAL B 433 -9.53 -31.30 -6.67
CA VAL B 433 -8.14 -31.64 -6.60
C VAL B 433 -7.26 -30.60 -7.33
N PHE B 434 -7.71 -30.16 -8.51
CA PHE B 434 -7.01 -29.22 -9.36
C PHE B 434 -7.79 -27.92 -9.43
N ASP B 435 -7.09 -26.84 -9.13
CA ASP B 435 -7.65 -25.47 -9.08
C ASP B 435 -6.96 -24.64 -10.20
N LEU B 436 -7.72 -24.30 -11.23
CA LEU B 436 -7.20 -23.60 -12.43
C LEU B 436 -7.87 -22.24 -12.68
N PRO B 437 -7.71 -21.26 -11.73
CA PRO B 437 -8.32 -19.97 -11.88
C PRO B 437 -7.54 -19.01 -12.82
N SER B 438 -8.00 -18.92 -14.06
CA SER B 438 -7.56 -17.99 -15.08
C SER B 438 -6.04 -18.11 -15.32
N ASN B 439 -5.52 -19.31 -15.16
CA ASN B 439 -4.06 -19.46 -15.28
C ASN B 439 -3.55 -19.31 -16.67
N GLY B 440 -2.22 -19.08 -16.79
CA GLY B 440 -1.58 -19.03 -18.12
C GLY B 440 -1.44 -20.41 -18.75
N PRO B 441 -0.88 -20.47 -19.96
CA PRO B 441 -0.81 -21.75 -20.70
C PRO B 441 0.39 -22.52 -20.36
N GLY B 442 0.49 -23.70 -20.99
CA GLY B 442 1.70 -24.52 -20.96
C GLY B 442 1.79 -25.54 -19.88
N ASN B 443 0.67 -25.79 -19.20
CA ASN B 443 0.64 -26.64 -18.04
C ASN B 443 0.27 -28.06 -18.36
N HIS B 444 1.08 -28.96 -17.81
CA HIS B 444 0.99 -30.37 -18.12
C HIS B 444 0.85 -31.19 -16.84
N ILE B 445 -0.28 -31.88 -16.69
CA ILE B 445 -0.56 -32.66 -15.46
C ILE B 445 -0.64 -34.09 -15.86
N TYR B 446 0.35 -34.90 -15.49
CA TYR B 446 0.38 -36.28 -15.93
C TYR B 446 1.01 -37.28 -14.97
N ASN B 447 0.57 -38.55 -15.09
CA ASN B 447 1.00 -39.67 -14.30
C ASN B 447 0.78 -39.42 -12.78
N ASN B 448 -0.31 -38.76 -12.43
CA ASN B 448 -0.62 -38.58 -10.96
C ASN B 448 -1.71 -39.57 -10.58
N THR B 449 -1.80 -39.88 -9.29
CA THR B 449 -2.94 -40.71 -8.82
C THR B 449 -3.70 -39.88 -7.82
N VAL B 450 -4.98 -39.67 -8.11
CA VAL B 450 -5.80 -38.82 -7.28
C VAL B 450 -7.03 -39.59 -6.76
N TYR B 451 -7.20 -39.57 -5.43
CA TYR B 451 -8.25 -40.33 -4.73
C TYR B 451 -9.23 -39.29 -4.22
N VAL B 452 -10.40 -39.23 -4.84
CA VAL B 452 -11.27 -38.10 -4.79
C VAL B 452 -12.49 -38.58 -4.03
N ASP B 453 -12.67 -38.04 -2.82
CA ASP B 453 -13.75 -38.50 -1.98
C ASP B 453 -15.02 -37.70 -2.16
N ALA B 454 -15.98 -37.98 -1.30
CA ALA B 454 -17.25 -37.32 -1.36
C ALA B 454 -17.24 -35.82 -1.05
N ASP B 455 -16.15 -35.36 -0.43
CA ASP B 455 -16.00 -33.96 -0.11
C ASP B 455 -15.27 -33.15 -1.20
N SER B 456 -15.01 -33.80 -2.33
CA SER B 456 -14.12 -33.27 -3.42
C SER B 456 -14.66 -33.65 -4.80
N GLN B 457 -13.92 -33.22 -5.82
CA GLN B 457 -14.17 -33.63 -7.21
C GLN B 457 -12.84 -33.36 -7.93
N VAL B 458 -12.82 -33.43 -9.25
CA VAL B 458 -11.57 -33.25 -9.99
C VAL B 458 -11.08 -31.82 -10.11
N LEU B 459 -11.97 -30.92 -10.50
CA LEU B 459 -11.69 -29.52 -10.65
C LEU B 459 -12.44 -28.72 -9.59
N THR B 460 -11.79 -27.72 -9.05
CA THR B 460 -12.49 -26.77 -8.19
C THR B 460 -13.59 -26.09 -9.01
N LYS B 461 -14.65 -25.66 -8.31
CA LYS B 461 -15.77 -24.96 -9.00
C LYS B 461 -15.36 -23.71 -9.77
N ARG B 462 -14.36 -22.98 -9.26
CA ARG B 462 -13.91 -21.74 -9.87
C ARG B 462 -12.91 -21.96 -11.07
N SER B 463 -12.58 -23.21 -11.36
CA SER B 463 -11.61 -23.49 -12.37
C SER B 463 -12.16 -23.10 -13.74
N ASN B 464 -11.29 -22.56 -14.60
CA ASN B 464 -11.70 -22.20 -15.98
C ASN B 464 -10.61 -22.19 -17.00
N SER B 465 -9.40 -22.67 -16.69
CA SER B 465 -8.29 -22.39 -17.62
C SER B 465 -7.49 -23.63 -17.88
N GLN B 466 -6.28 -23.43 -18.38
CA GLN B 466 -5.67 -24.43 -19.20
C GLN B 466 -5.02 -25.48 -18.39
N SER B 467 -5.04 -26.69 -18.91
CA SER B 467 -4.13 -27.72 -18.40
C SER B 467 -4.28 -28.95 -19.30
N LEU B 468 -3.20 -29.70 -19.50
CA LEU B 468 -3.25 -30.88 -20.36
C LEU B 468 -3.07 -32.04 -19.44
N PHE B 469 -4.10 -32.88 -19.36
CA PHE B 469 -4.10 -34.02 -18.43
C PHE B 469 -3.80 -35.29 -19.19
N GLU B 470 -2.75 -36.04 -18.83
CA GLU B 470 -2.46 -37.39 -19.48
C GLU B 470 -1.90 -38.39 -18.52
N ASN B 471 -2.20 -39.69 -18.75
CA ASN B 471 -1.69 -40.84 -17.97
C ASN B 471 -2.10 -40.82 -16.41
N ASN B 472 -3.12 -40.06 -16.05
CA ASN B 472 -3.50 -39.94 -14.60
C ASN B 472 -4.45 -41.10 -14.29
N ILE B 473 -4.51 -41.51 -13.01
CA ILE B 473 -5.58 -42.37 -12.48
C ILE B 473 -6.47 -41.49 -11.60
N PHE B 474 -7.65 -41.17 -12.10
CA PHE B 474 -8.67 -40.47 -11.37
C PHE B 474 -9.51 -41.52 -10.68
N ILE B 475 -9.58 -41.46 -9.33
CA ILE B 475 -10.34 -42.46 -8.56
C ILE B 475 -11.55 -41.80 -7.90
N ASN B 476 -12.77 -42.20 -8.31
CA ASN B 476 -13.98 -41.80 -7.62
C ASN B 476 -14.09 -42.67 -6.38
N ALA B 477 -13.78 -42.08 -5.23
CA ALA B 477 -13.85 -42.85 -4.00
C ALA B 477 -15.19 -42.53 -3.35
N THR B 478 -16.28 -42.71 -4.11
CA THR B 478 -17.68 -42.58 -3.61
C THR B 478 -18.45 -43.85 -3.94
N ASN B 479 -19.70 -43.96 -3.47
CA ASN B 479 -20.49 -45.22 -3.55
C ASN B 479 -21.42 -45.34 -4.75
N THR B 480 -21.32 -44.39 -5.68
CA THR B 480 -21.93 -44.54 -7.01
C THR B 480 -20.92 -44.25 -8.07
N LYS B 481 -21.30 -44.55 -9.29
CA LYS B 481 -20.48 -44.23 -10.43
C LYS B 481 -20.87 -42.79 -10.71
N LYS B 482 -19.94 -41.88 -10.40
CA LYS B 482 -20.20 -40.44 -10.50
C LYS B 482 -20.18 -39.95 -11.96
N THR B 483 -21.14 -39.08 -12.29
CA THR B 483 -21.09 -38.22 -13.45
C THR B 483 -20.32 -36.94 -13.08
N GLU B 484 -19.04 -36.90 -13.45
CA GLU B 484 -18.14 -35.84 -12.96
C GLU B 484 -18.14 -34.70 -13.93
N THR B 485 -17.92 -33.47 -13.43
CA THR B 485 -17.73 -32.32 -14.30
C THR B 485 -16.26 -32.24 -14.68
N TRP B 486 -15.94 -32.61 -15.93
CA TRP B 486 -14.55 -32.72 -16.32
C TRP B 486 -14.04 -31.42 -16.94
N ASN B 487 -14.92 -30.54 -17.37
CA ASN B 487 -14.52 -29.36 -18.05
C ASN B 487 -15.28 -28.17 -17.48
N ARG B 488 -14.53 -27.14 -17.14
CA ARG B 488 -15.10 -25.85 -16.83
C ARG B 488 -14.30 -24.76 -17.56
N GLY B 489 -15.02 -23.82 -18.17
CA GLY B 489 -14.40 -22.78 -18.95
C GLY B 489 -13.62 -23.24 -20.15
N SER B 490 -12.99 -22.27 -20.81
CA SER B 490 -12.20 -22.55 -22.01
C SER B 490 -10.98 -21.60 -22.11
N GLN B 491 -10.61 -20.95 -20.98
CA GLN B 491 -9.54 -19.96 -21.01
C GLN B 491 -8.21 -20.63 -21.38
N ASN B 492 -7.48 -20.04 -22.36
CA ASN B 492 -6.18 -20.58 -22.81
C ASN B 492 -6.29 -22.01 -23.31
N GLY B 493 -7.47 -22.31 -23.85
CA GLY B 493 -7.82 -23.66 -24.35
C GLY B 493 -8.55 -24.61 -23.40
N GLY B 494 -8.80 -24.17 -22.18
CA GLY B 494 -9.39 -25.06 -21.18
C GLY B 494 -8.67 -26.35 -20.90
N GLN B 495 -9.36 -27.31 -20.25
CA GLN B 495 -8.74 -28.61 -19.85
C GLN B 495 -8.83 -29.57 -21.01
N THR B 496 -7.71 -30.14 -21.38
CA THR B 496 -7.73 -31.20 -22.42
C THR B 496 -7.24 -32.44 -21.80
N TYR B 497 -7.74 -33.62 -22.23
CA TYR B 497 -7.36 -34.88 -21.62
C TYR B 497 -7.02 -35.89 -22.69
N ASP B 498 -6.02 -36.70 -22.43
CA ASP B 498 -5.75 -37.82 -23.31
C ASP B 498 -5.14 -38.92 -22.53
N ASN B 499 -5.60 -40.12 -22.76
CA ASN B 499 -4.98 -41.32 -22.21
C ASN B 499 -4.99 -41.41 -20.66
N ASN B 500 -6.07 -40.99 -20.04
CA ASN B 500 -6.13 -41.14 -18.54
C ASN B 500 -6.98 -42.35 -18.20
N MET B 501 -6.80 -42.87 -16.97
CA MET B 501 -7.68 -43.88 -16.37
C MET B 501 -8.75 -43.22 -15.49
N TYR B 502 -10.00 -43.65 -15.62
CA TYR B 502 -11.16 -43.13 -14.89
C TYR B 502 -11.76 -44.31 -14.13
N VAL B 503 -11.69 -44.29 -12.79
CA VAL B 503 -12.02 -45.50 -11.97
C VAL B 503 -13.33 -45.20 -11.29
N ASN B 504 -14.39 -45.96 -11.64
CA ASN B 504 -15.66 -45.88 -10.96
C ASN B 504 -16.38 -44.63 -11.28
N TYR B 505 -16.26 -44.15 -12.52
CA TYR B 505 -17.09 -43.04 -12.94
C TYR B 505 -18.17 -43.51 -13.90
N ALA B 506 -19.21 -42.69 -14.09
CA ALA B 506 -20.29 -42.95 -15.06
C ALA B 506 -20.01 -42.28 -16.40
N ASN B 507 -19.00 -41.41 -16.45
CA ASN B 507 -18.70 -40.63 -17.64
C ASN B 507 -17.20 -40.42 -17.75
N LYS B 508 -16.80 -39.66 -18.78
CA LYS B 508 -15.39 -39.34 -19.04
C LYS B 508 -15.30 -38.04 -19.82
N PRO B 509 -14.11 -37.42 -19.84
CA PRO B 509 -14.02 -36.15 -20.56
C PRO B 509 -14.28 -36.39 -22.05
N THR B 510 -14.99 -35.46 -22.64
CA THR B 510 -15.36 -35.53 -24.03
C THR B 510 -14.07 -35.50 -24.84
N SER B 511 -13.03 -34.79 -24.41
CA SER B 511 -11.79 -34.73 -25.21
C SER B 511 -10.93 -35.99 -25.15
N ASP B 512 -11.16 -36.96 -24.26
CA ASP B 512 -10.21 -38.07 -24.15
C ASP B 512 -10.68 -39.23 -25.07
N ALA B 513 -10.07 -39.33 -26.26
CA ALA B 513 -10.35 -40.45 -27.15
C ALA B 513 -9.54 -41.68 -26.84
N ASN B 514 -8.66 -41.66 -25.82
CA ASN B 514 -7.89 -42.83 -25.45
C ASN B 514 -8.09 -43.22 -23.98
N ALA B 515 -9.30 -43.00 -23.52
CA ALA B 515 -9.65 -43.30 -22.10
C ALA B 515 -9.52 -44.77 -21.73
N ILE B 516 -8.93 -45.07 -20.57
CA ILE B 516 -8.99 -46.41 -19.93
C ILE B 516 -10.02 -46.30 -18.78
N GLU B 517 -11.06 -47.12 -18.83
CA GLU B 517 -12.12 -47.06 -17.85
C GLU B 517 -12.07 -48.31 -17.05
N ALA B 518 -12.06 -48.19 -15.71
CA ALA B 518 -12.10 -49.33 -14.82
C ALA B 518 -13.23 -49.17 -13.81
N ASP B 519 -13.85 -50.30 -13.47
CA ASP B 519 -15.07 -50.32 -12.66
C ASP B 519 -14.80 -50.22 -11.16
N ASP B 520 -13.77 -50.92 -10.72
CA ASP B 520 -13.45 -51.12 -9.36
C ASP B 520 -11.98 -50.84 -9.10
N VAL B 521 -11.68 -49.85 -8.19
CA VAL B 521 -10.27 -49.62 -7.82
C VAL B 521 -9.52 -50.78 -7.27
N SER B 522 -10.17 -51.74 -6.61
CA SER B 522 -9.43 -52.88 -5.98
C SER B 522 -8.75 -53.88 -6.98
N ALA B 523 -9.16 -53.82 -8.24
CA ALA B 523 -8.47 -54.58 -9.34
C ALA B 523 -7.39 -53.72 -10.03
N VAL B 524 -7.30 -52.44 -9.68
CA VAL B 524 -6.29 -51.53 -10.23
C VAL B 524 -5.06 -51.29 -9.36
N LEU B 525 -5.29 -50.86 -8.09
CA LEU B 525 -4.23 -50.63 -7.07
C LEU B 525 -4.41 -51.55 -5.87
N ALA B 526 -3.34 -51.84 -5.15
CA ALA B 526 -3.37 -52.75 -4.04
C ALA B 526 -4.19 -52.25 -2.82
N GLY B 527 -4.24 -50.93 -2.61
CA GLY B 527 -4.97 -50.36 -1.44
C GLY B 527 -5.22 -48.88 -1.54
N ALA B 528 -5.96 -48.42 -2.53
CA ALA B 528 -6.12 -47.03 -2.72
C ALA B 528 -6.76 -46.41 -1.41
N GLY B 529 -6.31 -45.22 -0.99
CA GLY B 529 -6.86 -44.57 0.24
C GLY B 529 -6.09 -44.85 1.53
N SER B 530 -5.09 -45.73 1.49
CA SER B 530 -4.42 -46.12 2.66
C SER B 530 -3.12 -45.41 2.95
N ALA B 531 -2.77 -44.36 2.22
CA ALA B 531 -1.52 -43.61 2.55
C ALA B 531 -1.76 -42.76 3.82
N PRO B 532 -0.70 -42.19 4.42
CA PRO B 532 -0.94 -41.47 5.70
C PRO B 532 -1.98 -40.40 5.76
N THR B 533 -2.62 -40.28 6.95
CA THR B 533 -3.56 -39.20 7.25
C THR B 533 -2.97 -38.04 8.10
N SER B 534 -1.70 -38.17 8.44
CA SER B 534 -1.01 -37.06 9.11
C SER B 534 0.47 -37.23 8.99
N ALA B 535 1.20 -36.20 9.36
CA ALA B 535 2.66 -36.28 9.44
C ALA B 535 3.05 -37.32 10.50
N LEU B 536 4.24 -37.90 10.37
CA LEU B 536 4.83 -38.67 11.45
C LEU B 536 5.04 -37.75 12.67
N LYS B 537 5.00 -38.31 13.86
CA LYS B 537 5.13 -37.55 15.05
C LYS B 537 6.44 -36.78 15.04
N SER B 538 7.49 -37.37 14.46
CA SER B 538 8.84 -36.77 14.45
C SER B 538 8.91 -35.59 13.53
N GLY B 539 7.96 -35.53 12.61
CA GLY B 539 8.00 -34.55 11.54
C GLY B 539 8.78 -35.00 10.31
N ALA B 540 9.46 -36.15 10.36
CA ALA B 540 10.12 -36.68 9.15
C ALA B 540 9.11 -37.15 8.11
N GLU B 541 9.54 -37.17 6.85
CA GLU B 541 8.83 -37.87 5.80
C GLU B 541 8.66 -39.35 6.16
N HIS B 542 7.56 -39.88 5.68
CA HIS B 542 7.31 -41.30 5.84
C HIS B 542 8.30 -42.04 4.92
N ALA B 543 8.62 -43.24 5.34
CA ALA B 543 9.30 -44.18 4.46
C ALA B 543 8.49 -44.52 3.25
N ARG B 544 9.15 -44.59 2.08
CA ARG B 544 8.49 -45.06 0.84
C ARG B 544 8.87 -46.53 0.42
N THR B 545 9.89 -47.10 1.05
CA THR B 545 10.31 -48.48 0.83
C THR B 545 10.67 -49.05 2.17
N GLY B 546 10.79 -50.38 2.24
CA GLY B 546 11.17 -51.04 3.48
C GLY B 546 9.95 -51.39 4.36
N GLU B 547 10.19 -51.89 5.55
CA GLU B 547 9.09 -52.37 6.37
C GLU B 547 8.04 -51.29 6.72
N LYS B 548 8.48 -50.05 6.85
CA LYS B 548 7.58 -48.89 7.22
C LYS B 548 7.00 -48.18 6.04
N ALA B 549 7.22 -48.73 4.84
CA ALA B 549 6.73 -48.07 3.64
C ALA B 549 5.23 -47.74 3.74
N ALA B 550 4.86 -46.52 3.42
CA ALA B 550 3.53 -46.03 3.66
C ALA B 550 2.65 -45.83 2.48
N PHE B 551 3.14 -46.05 1.26
CA PHE B 551 2.37 -45.76 0.05
C PHE B 551 2.13 -46.99 -0.89
N ASP B 552 2.39 -48.17 -0.35
CA ASP B 552 2.22 -49.45 -1.13
C ASP B 552 0.81 -49.66 -1.66
N GLY B 553 -0.17 -49.06 -1.00
CA GLY B 553 -1.54 -49.02 -1.52
C GLY B 553 -1.71 -48.48 -2.92
N TYR B 554 -0.73 -47.72 -3.40
CA TYR B 554 -0.86 -47.05 -4.68
C TYR B 554 -0.07 -47.82 -5.80
N ARG B 555 0.57 -48.91 -5.39
CA ARG B 555 1.26 -49.83 -6.29
C ARG B 555 0.23 -50.62 -7.09
N PRO B 556 0.33 -50.60 -8.43
CA PRO B 556 -0.66 -51.41 -9.14
C PRO B 556 -0.54 -52.91 -8.77
N VAL B 557 -1.67 -53.60 -8.84
CA VAL B 557 -1.71 -55.07 -8.59
C VAL B 557 -1.45 -55.86 -9.92
N ALA B 558 -1.12 -57.14 -9.79
CA ALA B 558 -1.05 -58.06 -10.98
C ALA B 558 -2.27 -57.94 -11.84
N GLY B 559 -2.02 -57.87 -13.15
CA GLY B 559 -3.10 -57.81 -14.06
C GLY B 559 -3.75 -56.48 -14.16
N SER B 560 -3.24 -55.46 -13.43
CA SER B 560 -3.91 -54.17 -13.44
C SER B 560 -3.87 -53.59 -14.80
N LYS B 561 -4.97 -53.03 -15.21
CA LYS B 561 -5.09 -52.26 -16.40
C LYS B 561 -4.30 -50.93 -16.44
N ALA B 562 -3.68 -50.51 -15.32
CA ALA B 562 -2.70 -49.42 -15.37
C ALA B 562 -1.34 -49.83 -16.02
N ILE B 563 -1.04 -51.13 -16.04
CA ILE B 563 0.26 -51.59 -16.40
C ILE B 563 0.41 -51.44 -17.95
N ASN B 564 1.54 -50.90 -18.38
CA ASN B 564 1.86 -50.75 -19.80
C ASN B 564 0.80 -50.01 -20.62
N ALA B 565 0.12 -49.04 -20.00
CA ALA B 565 -0.99 -48.44 -20.62
C ALA B 565 -0.98 -46.91 -20.81
N GLY B 566 0.03 -46.25 -20.29
CA GLY B 566 0.22 -44.85 -20.53
C GLY B 566 0.90 -44.68 -21.87
N LYS B 567 0.67 -43.52 -22.47
CA LYS B 567 1.39 -43.07 -23.64
C LYS B 567 2.72 -42.53 -23.13
N VAL B 568 3.75 -42.56 -23.98
CA VAL B 568 5.00 -41.88 -23.74
C VAL B 568 4.68 -40.44 -23.80
N VAL B 569 5.06 -39.76 -22.71
CA VAL B 569 4.73 -38.38 -22.52
C VAL B 569 5.79 -37.52 -23.21
N SER B 570 5.32 -36.48 -23.88
CA SER B 570 6.18 -35.40 -24.31
C SER B 570 5.92 -34.13 -23.44
N ASP B 571 6.74 -33.99 -22.42
CA ASP B 571 6.59 -32.89 -21.49
C ASP B 571 6.54 -31.54 -22.15
N LEU B 572 5.48 -30.78 -21.90
CA LEU B 572 5.30 -29.53 -22.57
C LEU B 572 6.40 -28.51 -22.24
N ASN B 573 7.15 -28.75 -21.15
CA ASN B 573 8.17 -27.88 -20.61
C ASN B 573 9.56 -28.52 -20.69
N ASP B 574 9.70 -29.52 -21.59
CA ASP B 574 10.96 -30.22 -21.88
C ASP B 574 11.63 -30.96 -20.71
N TYR B 575 10.88 -31.23 -19.65
CA TYR B 575 11.38 -32.04 -18.52
C TYR B 575 11.33 -33.53 -18.89
N ALA B 576 12.50 -34.13 -19.09
CA ALA B 576 12.56 -35.61 -19.37
C ALA B 576 11.89 -36.38 -18.22
N VAL B 577 11.07 -37.37 -18.57
CA VAL B 577 10.55 -38.33 -17.59
C VAL B 577 11.70 -39.13 -17.01
N GLU B 578 11.70 -39.39 -15.72
CA GLU B 578 12.82 -40.07 -15.10
C GLU B 578 12.46 -41.24 -14.24
N ASN B 579 11.71 -41.00 -13.16
CA ASN B 579 11.28 -42.09 -12.30
C ASN B 579 9.87 -41.79 -11.75
N ASP B 580 9.36 -42.68 -10.91
CA ASP B 580 7.96 -42.58 -10.40
C ASP B 580 7.91 -42.05 -8.98
N PHE B 581 6.73 -41.98 -8.38
CA PHE B 581 6.59 -41.53 -6.99
C PHE B 581 7.46 -42.32 -6.04
N LEU B 582 7.71 -43.58 -6.33
CA LEU B 582 8.49 -44.38 -5.37
C LEU B 582 10.00 -44.33 -5.69
N GLY B 583 10.34 -43.59 -6.75
CA GLY B 583 11.73 -43.49 -7.20
C GLY B 583 12.25 -44.68 -7.98
N ASN B 584 11.34 -45.41 -8.63
CA ASN B 584 11.72 -46.51 -9.52
C ASN B 584 11.78 -46.00 -10.93
N ALA B 585 12.79 -46.44 -11.69
CA ALA B 585 12.97 -45.93 -13.07
C ALA B 585 11.75 -46.23 -13.87
N VAL B 586 11.34 -45.27 -14.69
CA VAL B 586 10.29 -45.49 -15.68
C VAL B 586 11.13 -45.59 -16.96
N LYS B 587 11.30 -46.81 -17.45
CA LYS B 587 12.12 -47.01 -18.64
C LYS B 587 11.27 -47.18 -19.88
N GLY B 588 10.22 -48.00 -19.82
CA GLY B 588 9.48 -48.36 -21.03
C GLY B 588 8.54 -47.25 -21.48
N ARG B 589 7.52 -47.69 -22.20
CA ARG B 589 6.23 -47.01 -22.20
C ARG B 589 5.68 -47.00 -20.74
N PRO B 590 5.14 -45.87 -20.28
CA PRO B 590 4.83 -45.86 -18.83
C PRO B 590 3.48 -46.53 -18.40
N ASP B 591 3.50 -47.11 -17.18
CA ASP B 591 2.28 -47.45 -16.40
C ASP B 591 1.49 -46.20 -16.08
N LEU B 592 0.17 -46.33 -16.07
CA LEU B 592 -0.73 -45.19 -15.74
C LEU B 592 -0.56 -44.87 -14.23
N GLY B 593 -0.68 -43.59 -13.91
CA GLY B 593 -0.64 -43.18 -12.50
C GLY B 593 0.71 -42.92 -11.97
N ALA B 594 0.79 -42.62 -10.67
CA ALA B 594 2.05 -42.22 -10.02
C ALA B 594 3.09 -43.33 -9.76
N VAL B 595 2.70 -44.59 -9.87
CA VAL B 595 3.52 -45.68 -9.39
C VAL B 595 3.58 -46.85 -10.44
N GLU B 596 4.79 -47.11 -10.94
CA GLU B 596 5.11 -48.29 -11.75
C GLU B 596 4.91 -49.59 -10.98
N ALA B 597 4.36 -50.61 -11.64
CA ALA B 597 4.27 -51.95 -11.03
C ALA B 597 5.66 -52.53 -10.83
N ALA B 598 5.81 -53.43 -9.85
CA ALA B 598 7.11 -54.12 -9.63
C ALA B 598 7.02 -55.66 -9.73
C1 NAG C . -5.65 15.73 -12.46
C2 NAG C . -6.20 14.42 -11.95
C3 NAG C . -6.36 14.45 -10.40
C4 NAG C . -5.12 14.98 -9.69
C5 NAG C . -4.94 16.39 -10.24
C6 NAG C . -3.88 17.23 -9.53
C7 NAG C . -7.72 13.28 -13.49
C8 NAG C . -9.08 13.31 -14.14
N2 NAG C . -7.48 14.23 -12.59
O1 NAG C . -5.05 15.51 -13.79
O3 NAG C . -6.47 13.11 -10.00
O4 NAG C . -5.25 14.95 -8.21
O5 NAG C . -4.63 16.25 -11.64
O6 NAG C . -2.57 16.61 -9.69
O7 NAG C . -6.88 12.44 -13.73
C1 GAL C . -7.71 12.66 -9.53
C2 GAL C . -7.78 11.11 -9.53
C3 GAL C . -8.94 10.55 -8.68
C4 GAL C . -8.93 11.26 -7.32
C5 GAL C . -9.01 12.77 -7.55
C6 GAL C . -9.13 13.56 -6.28
O2 GAL C . -7.80 10.54 -10.84
O3 GAL C . -8.74 9.12 -8.59
O4 GAL C . -7.72 11.05 -6.58
O5 GAL C . -7.87 13.27 -8.30
O6 GAL C . -10.39 13.27 -5.62
C1 NAG D . -2.15 -16.76 -4.76
C2 NAG D . -1.58 -15.37 -4.76
C3 NAG D . -0.40 -15.16 -3.73
C4 NAG D . -0.75 -15.87 -2.45
C5 NAG D . -1.03 -17.35 -2.72
C6 NAG D . -1.35 -18.35 -1.57
C7 NAG D . -1.71 -13.99 -6.82
C8 NAG D . -1.18 -13.83 -8.21
N2 NAG D . -1.29 -15.05 -6.17
O1 NAG D . -3.52 -16.64 -5.22
O3 NAG D . -0.32 -13.73 -3.51
O4 NAG D . 0.31 -15.66 -1.49
O5 NAG D . -2.20 -17.43 -3.51
O6 NAG D . -2.52 -17.85 -0.89
O7 NAG D . -2.46 -13.15 -6.32
C1 GAL D . 0.89 -13.09 -3.96
C2 GAL D . 0.67 -11.60 -3.86
C3 GAL D . 1.99 -10.84 -3.92
C4 GAL D . 2.99 -11.51 -3.01
C5 GAL D . 3.19 -12.96 -3.37
C6 GAL D . 4.24 -13.75 -2.62
O2 GAL D . -0.27 -11.22 -4.88
O3 GAL D . 1.70 -9.42 -3.61
O4 GAL D . 2.61 -11.46 -1.61
O5 GAL D . 1.94 -13.64 -3.20
O6 GAL D . 5.57 -13.22 -2.90
CA CA E . 8.99 16.00 11.91
CA CA F . 14.78 17.31 -0.08
CA CA G . 3.34 -17.20 23.00
CA CA H . -8.76 -19.71 17.84
#